data_1FMS
# 
_entry.id   1FMS 
# 
_audit_conform.dict_name       mmcif_pdbx.dic 
_audit_conform.dict_version    5.386 
_audit_conform.dict_location   http://mmcif.pdb.org/dictionaries/ascii/mmcif_pdbx.dic 
# 
loop_
_database_2.database_id 
_database_2.database_code 
_database_2.pdbx_database_accession 
_database_2.pdbx_DOI 
PDB   1FMS         pdb_00001fms 10.2210/pdb1fms/pdb 
NDB   DD0035       ?            ?                   
RCSB  RCSB011720   ?            ?                   
WWPDB D_1000011720 ?            ?                   
# 
loop_
_pdbx_audit_revision_history.ordinal 
_pdbx_audit_revision_history.data_content_type 
_pdbx_audit_revision_history.major_revision 
_pdbx_audit_revision_history.minor_revision 
_pdbx_audit_revision_history.revision_date 
1 'Structure model' 1 0 2000-09-11 
2 'Structure model' 1 1 2008-04-27 
3 'Structure model' 1 2 2011-07-13 
4 'Structure model' 1 3 2017-10-04 
5 'Structure model' 1 4 2024-02-07 
# 
_pdbx_audit_revision_details.ordinal             1 
_pdbx_audit_revision_details.revision_ordinal    1 
_pdbx_audit_revision_details.data_content_type   'Structure model' 
_pdbx_audit_revision_details.provider            repository 
_pdbx_audit_revision_details.type                'Initial release' 
_pdbx_audit_revision_details.description         ? 
_pdbx_audit_revision_details.details             ? 
# 
loop_
_pdbx_audit_revision_group.ordinal 
_pdbx_audit_revision_group.revision_ordinal 
_pdbx_audit_revision_group.data_content_type 
_pdbx_audit_revision_group.group 
1 2 'Structure model' 'Version format compliance' 
2 3 'Structure model' 'Version format compliance' 
3 4 'Structure model' 'Refinement description'    
4 5 'Structure model' 'Data collection'           
5 5 'Structure model' 'Database references'       
6 5 'Structure model' 'Derived calculations'      
# 
loop_
_pdbx_audit_revision_category.ordinal 
_pdbx_audit_revision_category.revision_ordinal 
_pdbx_audit_revision_category.data_content_type 
_pdbx_audit_revision_category.category 
1 4 'Structure model' software               
2 5 'Structure model' chem_comp_atom         
3 5 'Structure model' chem_comp_bond         
4 5 'Structure model' database_2             
5 5 'Structure model' pdbx_struct_conn_angle 
6 5 'Structure model' struct_conn            
7 5 'Structure model' struct_site            
# 
loop_
_pdbx_audit_revision_item.ordinal 
_pdbx_audit_revision_item.revision_ordinal 
_pdbx_audit_revision_item.data_content_type 
_pdbx_audit_revision_item.item 
1  5 'Structure model' '_database_2.pdbx_DOI'                      
2  5 'Structure model' '_database_2.pdbx_database_accession'       
3  5 'Structure model' '_pdbx_struct_conn_angle.ptnr1_auth_seq_id' 
4  5 'Structure model' '_pdbx_struct_conn_angle.ptnr3_auth_seq_id' 
5  5 'Structure model' '_pdbx_struct_conn_angle.value'             
6  5 'Structure model' '_struct_conn.pdbx_dist_value'              
7  5 'Structure model' '_struct_conn.ptnr2_auth_seq_id'            
8  5 'Structure model' '_struct_site.pdbx_auth_asym_id'            
9  5 'Structure model' '_struct_site.pdbx_auth_comp_id'            
10 5 'Structure model' '_struct_site.pdbx_auth_seq_id'             
# 
_pdbx_database_status.status_code                     REL 
_pdbx_database_status.entry_id                        1FMS 
_pdbx_database_status.recvd_initial_deposition_date   2000-08-18 
_pdbx_database_status.deposit_site                    NDB 
_pdbx_database_status.process_site                    NDB 
_pdbx_database_status.status_code_sf                  ? 
_pdbx_database_status.status_code_mr                  ? 
_pdbx_database_status.SG_entry                        N 
_pdbx_database_status.pdb_format_compatible           Y 
_pdbx_database_status.status_code_cs                  ? 
_pdbx_database_status.methods_development_category    ? 
_pdbx_database_status.status_code_nmr_data            ? 
# 
_pdbx_database_related.db_name        NDB 
_pdbx_database_related.db_id          DD0034 
_pdbx_database_related.details        . 
_pdbx_database_related.content_type   unspecified 
# 
loop_
_audit_author.name 
_audit_author.pdbx_ordinal 
'Simpson, I.J.' 1 
'Lee, M.'       2 
'Kumar, A.'     3 
'Boykin, D.W.'  4 
'Neidle, S.'    5 
# 
_citation.id                        primary 
_citation.title                     
'DNA minor groove interactions and the biological activity of 2,5-bis-[4-(N-alkylamidino)phenyl] furans' 
_citation.journal_abbrev            Bioorg.Med.Chem.Lett. 
_citation.journal_volume            10 
_citation.page_first                2593 
_citation.page_last                 2597 
_citation.year                      2000 
_citation.journal_id_ASTM           BMCLE8 
_citation.country                   UK 
_citation.journal_id_ISSN           0960-894X 
_citation.journal_id_CSD            1127 
_citation.book_publisher            ? 
_citation.pdbx_database_id_PubMed   11128631 
_citation.pdbx_database_id_DOI      '10.1016/S0960-894X(00)00511-4' 
# 
loop_
_citation_author.citation_id 
_citation_author.name 
_citation_author.ordinal 
_citation_author.identifier_ORCID 
primary 'Simpson, I.J.' 1 ? 
primary 'Lee, M.'       2 ? 
primary 'Kumar, A.'     3 ? 
primary 'Boykin, D.W.'  4 ? 
primary 'Neidle, S.'    5 ? 
# 
loop_
_entity.id 
_entity.type 
_entity.src_method 
_entity.pdbx_description 
_entity.formula_weight 
_entity.pdbx_number_of_molecules 
_entity.pdbx_ec 
_entity.pdbx_mutation 
_entity.pdbx_fragment 
_entity.details 
1 polymer     syn "5'-D(*CP*GP*CP*GP*AP*AP*TP*TP*CP*GP*CP*G)-3'"        3663.392 2   ? ? ? ? 
2 non-polymer syn 'MAGNESIUM ION'                                       24.305   1   ? ? ? ? 
3 non-polymer syn '2,5-BIS{[4-(N-CYCLOHEXYLDIAMINOMETHYL)PHENYL]}FURAN' 472.665  1   ? ? ? ? 
4 water       nat water                                                 18.015   187 ? ? ? ? 
# 
_entity_poly.entity_id                      1 
_entity_poly.type                           polydeoxyribonucleotide 
_entity_poly.nstd_linkage                   no 
_entity_poly.nstd_monomer                   no 
_entity_poly.pdbx_seq_one_letter_code       '(DC)(DG)(DC)(DG)(DA)(DA)(DT)(DT)(DC)(DG)(DC)(DG)' 
_entity_poly.pdbx_seq_one_letter_code_can   CGCGAATTCGCG 
_entity_poly.pdbx_strand_id                 A,B 
_entity_poly.pdbx_target_identifier         ? 
# 
loop_
_pdbx_entity_nonpoly.entity_id 
_pdbx_entity_nonpoly.name 
_pdbx_entity_nonpoly.comp_id 
2 'MAGNESIUM ION'                                       MG  
3 '2,5-BIS{[4-(N-CYCLOHEXYLDIAMINOMETHYL)PHENYL]}FURAN' D35 
4 water                                                 HOH 
# 
loop_
_entity_poly_seq.entity_id 
_entity_poly_seq.num 
_entity_poly_seq.mon_id 
_entity_poly_seq.hetero 
1 1  DC n 
1 2  DG n 
1 3  DC n 
1 4  DG n 
1 5  DA n 
1 6  DA n 
1 7  DT n 
1 8  DT n 
1 9  DC n 
1 10 DG n 
1 11 DC n 
1 12 DG n 
# 
loop_
_chem_comp.id 
_chem_comp.type 
_chem_comp.mon_nstd_flag 
_chem_comp.name 
_chem_comp.pdbx_synonyms 
_chem_comp.formula 
_chem_comp.formula_weight 
D35 non-polymer   . '2,5-BIS{[4-(N-CYCLOHEXYLDIAMINOMETHYL)PHENYL]}FURAN' ? 'C30 H40 N4 O'    472.665 
DA  'DNA linking' y "2'-DEOXYADENOSINE-5'-MONOPHOSPHATE"                  ? 'C10 H14 N5 O6 P' 331.222 
DC  'DNA linking' y "2'-DEOXYCYTIDINE-5'-MONOPHOSPHATE"                   ? 'C9 H14 N3 O7 P'  307.197 
DG  'DNA linking' y "2'-DEOXYGUANOSINE-5'-MONOPHOSPHATE"                  ? 'C10 H14 N5 O7 P' 347.221 
DT  'DNA linking' y "THYMIDINE-5'-MONOPHOSPHATE"                          ? 'C10 H15 N2 O8 P' 322.208 
HOH non-polymer   . WATER                                                 ? 'H2 O'            18.015  
MG  non-polymer   . 'MAGNESIUM ION'                                       ? 'Mg 2'            24.305  
# 
loop_
_pdbx_poly_seq_scheme.asym_id 
_pdbx_poly_seq_scheme.entity_id 
_pdbx_poly_seq_scheme.seq_id 
_pdbx_poly_seq_scheme.mon_id 
_pdbx_poly_seq_scheme.ndb_seq_num 
_pdbx_poly_seq_scheme.pdb_seq_num 
_pdbx_poly_seq_scheme.auth_seq_num 
_pdbx_poly_seq_scheme.pdb_mon_id 
_pdbx_poly_seq_scheme.auth_mon_id 
_pdbx_poly_seq_scheme.pdb_strand_id 
_pdbx_poly_seq_scheme.pdb_ins_code 
_pdbx_poly_seq_scheme.hetero 
A 1 1  DC 1  1  1  DC C A . n 
A 1 2  DG 2  2  2  DG G A . n 
A 1 3  DC 3  3  3  DC C A . n 
A 1 4  DG 4  4  4  DG G A . n 
A 1 5  DA 5  5  5  DA A A . n 
A 1 6  DA 6  6  6  DA A A . n 
A 1 7  DT 7  7  7  DT T A . n 
A 1 8  DT 8  8  8  DT T A . n 
A 1 9  DC 9  9  9  DC C A . n 
A 1 10 DG 10 10 10 DG G A . n 
A 1 11 DC 11 11 11 DC C A . n 
A 1 12 DG 12 12 12 DG G A . n 
B 1 1  DC 1  13 13 DC C B . n 
B 1 2  DG 2  14 14 DG G B . n 
B 1 3  DC 3  15 15 DC C B . n 
B 1 4  DG 4  16 16 DG G B . n 
B 1 5  DA 5  17 17 DA A B . n 
B 1 6  DA 6  18 18 DA A B . n 
B 1 7  DT 7  19 19 DT T B . n 
B 1 8  DT 8  20 20 DT T B . n 
B 1 9  DC 9  21 21 DC C B . n 
B 1 10 DG 10 22 22 DG G B . n 
B 1 11 DC 11 23 23 DC C B . n 
B 1 12 DG 12 24 24 DG G B . n 
# 
loop_
_pdbx_nonpoly_scheme.asym_id 
_pdbx_nonpoly_scheme.entity_id 
_pdbx_nonpoly_scheme.mon_id 
_pdbx_nonpoly_scheme.ndb_seq_num 
_pdbx_nonpoly_scheme.pdb_seq_num 
_pdbx_nonpoly_scheme.auth_seq_num 
_pdbx_nonpoly_scheme.pdb_mon_id 
_pdbx_nonpoly_scheme.auth_mon_id 
_pdbx_nonpoly_scheme.pdb_strand_id 
_pdbx_nonpoly_scheme.pdb_ins_code 
C 2 MG  1  26  26  MG  MO6 A . 
D 3 D35 1  25  25  D35 D35 A . 
E 4 HOH 1  27  27  HOH HOH A . 
E 4 HOH 2  28  28  HOH HOH A . 
E 4 HOH 3  30  30  HOH HOH A . 
E 4 HOH 4  32  32  HOH HOH A . 
E 4 HOH 5  33  33  HOH HOH A . 
E 4 HOH 6  34  34  HOH HOH A . 
E 4 HOH 7  35  35  HOH HOH A . 
E 4 HOH 8  38  38  HOH HOH A . 
E 4 HOH 9  39  39  HOH HOH A . 
E 4 HOH 10 40  40  HOH HOH A . 
E 4 HOH 11 44  44  HOH HOH A . 
E 4 HOH 12 46  46  HOH HOH A . 
E 4 HOH 13 48  48  HOH HOH A . 
E 4 HOH 14 49  49  HOH HOH A . 
E 4 HOH 15 50  50  HOH HOH A . 
E 4 HOH 16 51  51  HOH HOH A . 
E 4 HOH 17 52  52  HOH HOH A . 
E 4 HOH 18 53  53  HOH HOH A . 
E 4 HOH 19 55  55  HOH HOH A . 
E 4 HOH 20 56  56  HOH HOH A . 
E 4 HOH 21 57  57  HOH HOH A . 
E 4 HOH 22 59  59  HOH HOH A . 
E 4 HOH 23 64  64  HOH HOH A . 
E 4 HOH 24 68  68  HOH HOH A . 
E 4 HOH 25 74  74  HOH HOH A . 
E 4 HOH 26 75  75  HOH HOH A . 
E 4 HOH 27 76  76  HOH HOH A . 
E 4 HOH 28 78  78  HOH HOH A . 
E 4 HOH 29 79  79  HOH HOH A . 
E 4 HOH 30 80  80  HOH HOH A . 
E 4 HOH 31 81  81  HOH HOH A . 
E 4 HOH 32 84  84  HOH HOH A . 
E 4 HOH 33 89  89  HOH HOH A . 
E 4 HOH 34 90  90  HOH HOH A . 
E 4 HOH 35 91  91  HOH HOH A . 
E 4 HOH 36 92  92  HOH HOH A . 
E 4 HOH 37 93  93  HOH HOH A . 
E 4 HOH 38 94  94  HOH HOH A . 
E 4 HOH 39 95  95  HOH HOH A . 
E 4 HOH 40 98  98  HOH HOH A . 
E 4 HOH 41 103 103 HOH HOH A . 
E 4 HOH 42 106 106 HOH HOH A . 
E 4 HOH 43 108 108 HOH HOH A . 
E 4 HOH 44 109 109 HOH HOH A . 
E 4 HOH 45 110 110 HOH HOH A . 
E 4 HOH 46 111 111 HOH HOH A . 
E 4 HOH 47 113 113 HOH HOH A . 
E 4 HOH 48 114 114 HOH HOH A . 
E 4 HOH 49 117 117 HOH HOH A . 
E 4 HOH 50 122 122 HOH HOH A . 
E 4 HOH 51 124 124 HOH HOH A . 
E 4 HOH 52 125 125 HOH HOH A . 
E 4 HOH 53 126 126 HOH HOH A . 
E 4 HOH 54 127 127 HOH HOH A . 
E 4 HOH 55 129 129 HOH HOH A . 
E 4 HOH 56 130 130 HOH HOH A . 
E 4 HOH 57 133 133 HOH HOH A . 
E 4 HOH 58 136 136 HOH HOH A . 
E 4 HOH 59 139 139 HOH HOH A . 
E 4 HOH 60 141 141 HOH HOH A . 
E 4 HOH 61 143 143 HOH HOH A . 
E 4 HOH 62 144 144 HOH HOH A . 
E 4 HOH 63 146 146 HOH HOH A . 
E 4 HOH 64 150 150 HOH HOH A . 
E 4 HOH 65 153 153 HOH HOH A . 
E 4 HOH 66 154 154 HOH HOH A . 
E 4 HOH 67 157 157 HOH HOH A . 
E 4 HOH 68 161 161 HOH HOH A . 
E 4 HOH 69 162 162 HOH HOH A . 
E 4 HOH 70 165 165 HOH HOH A . 
E 4 HOH 71 166 166 HOH HOH A . 
E 4 HOH 72 170 170 HOH HOH A . 
E 4 HOH 73 173 173 HOH HOH A . 
E 4 HOH 74 176 176 HOH HOH A . 
E 4 HOH 75 177 177 HOH HOH A . 
E 4 HOH 76 179 179 HOH HOH A . 
E 4 HOH 77 181 181 HOH HOH A . 
E 4 HOH 78 182 182 HOH HOH A . 
E 4 HOH 79 183 183 HOH HOH A . 
E 4 HOH 80 187 187 HOH HOH A . 
E 4 HOH 81 190 190 HOH HOH A . 
E 4 HOH 82 191 191 HOH HOH A . 
E 4 HOH 83 192 192 HOH HOH A . 
E 4 HOH 84 197 197 HOH HOH A . 
E 4 HOH 85 200 200 HOH HOH A . 
E 4 HOH 86 202 202 HOH HOH A . 
E 4 HOH 87 203 203 HOH HOH A . 
E 4 HOH 88 206 206 HOH HOH A . 
E 4 HOH 89 207 207 HOH HOH A . 
E 4 HOH 90 209 209 HOH HOH A . 
E 4 HOH 91 212 212 HOH HOH A . 
E 4 HOH 92 217 217 HOH HOH A . 
E 4 HOH 93 221 26  HOH MO6 A . 
E 4 HOH 94 222 26  HOH MO6 A . 
E 4 HOH 95 223 26  HOH MO6 A . 
E 4 HOH 96 224 26  HOH MO6 A . 
E 4 HOH 97 225 26  HOH MO6 A . 
E 4 HOH 98 226 26  HOH MO6 A . 
F 4 HOH 1  29  29  HOH HOH B . 
F 4 HOH 2  31  31  HOH HOH B . 
F 4 HOH 3  36  36  HOH HOH B . 
F 4 HOH 4  37  37  HOH HOH B . 
F 4 HOH 5  41  41  HOH HOH B . 
F 4 HOH 6  42  42  HOH HOH B . 
F 4 HOH 7  43  43  HOH HOH B . 
F 4 HOH 8  45  45  HOH HOH B . 
F 4 HOH 9  47  47  HOH HOH B . 
F 4 HOH 10 54  54  HOH HOH B . 
F 4 HOH 11 58  58  HOH HOH B . 
F 4 HOH 12 60  60  HOH HOH B . 
F 4 HOH 13 61  61  HOH HOH B . 
F 4 HOH 14 62  62  HOH HOH B . 
F 4 HOH 15 63  63  HOH HOH B . 
F 4 HOH 16 65  65  HOH HOH B . 
F 4 HOH 17 66  66  HOH HOH B . 
F 4 HOH 18 67  67  HOH HOH B . 
F 4 HOH 19 69  69  HOH HOH B . 
F 4 HOH 20 70  70  HOH HOH B . 
F 4 HOH 21 71  71  HOH HOH B . 
F 4 HOH 22 72  72  HOH HOH B . 
F 4 HOH 23 73  73  HOH HOH B . 
F 4 HOH 24 77  77  HOH HOH B . 
F 4 HOH 25 82  82  HOH HOH B . 
F 4 HOH 26 83  83  HOH HOH B . 
F 4 HOH 27 85  85  HOH HOH B . 
F 4 HOH 28 86  86  HOH HOH B . 
F 4 HOH 29 87  87  HOH HOH B . 
F 4 HOH 30 88  88  HOH HOH B . 
F 4 HOH 31 96  96  HOH HOH B . 
F 4 HOH 32 97  97  HOH HOH B . 
F 4 HOH 33 99  99  HOH HOH B . 
F 4 HOH 34 100 100 HOH HOH B . 
F 4 HOH 35 101 101 HOH HOH B . 
F 4 HOH 36 102 102 HOH HOH B . 
F 4 HOH 37 104 104 HOH HOH B . 
F 4 HOH 38 105 105 HOH HOH B . 
F 4 HOH 39 107 107 HOH HOH B . 
F 4 HOH 40 112 112 HOH HOH B . 
F 4 HOH 41 115 115 HOH HOH B . 
F 4 HOH 42 116 116 HOH HOH B . 
F 4 HOH 43 118 118 HOH HOH B . 
F 4 HOH 44 119 119 HOH HOH B . 
F 4 HOH 45 120 120 HOH HOH B . 
F 4 HOH 46 121 121 HOH HOH B . 
F 4 HOH 47 123 123 HOH HOH B . 
F 4 HOH 48 128 128 HOH HOH B . 
F 4 HOH 49 131 131 HOH HOH B . 
F 4 HOH 50 132 132 HOH HOH B . 
F 4 HOH 51 134 134 HOH HOH B . 
F 4 HOH 52 135 135 HOH HOH B . 
F 4 HOH 53 137 137 HOH HOH B . 
F 4 HOH 54 138 138 HOH HOH B . 
F 4 HOH 55 140 140 HOH HOH B . 
F 4 HOH 56 142 142 HOH HOH B . 
F 4 HOH 57 145 145 HOH HOH B . 
F 4 HOH 58 147 147 HOH HOH B . 
F 4 HOH 59 148 148 HOH HOH B . 
F 4 HOH 60 149 149 HOH HOH B . 
F 4 HOH 61 151 151 HOH HOH B . 
F 4 HOH 62 152 152 HOH HOH B . 
F 4 HOH 63 155 155 HOH HOH B . 
F 4 HOH 64 156 156 HOH HOH B . 
F 4 HOH 65 158 158 HOH HOH B . 
F 4 HOH 66 159 159 HOH HOH B . 
F 4 HOH 67 160 160 HOH HOH B . 
F 4 HOH 68 163 163 HOH HOH B . 
F 4 HOH 69 164 164 HOH HOH B . 
F 4 HOH 70 167 167 HOH HOH B . 
F 4 HOH 71 168 168 HOH HOH B . 
F 4 HOH 72 169 169 HOH HOH B . 
F 4 HOH 73 172 172 HOH HOH B . 
F 4 HOH 74 174 174 HOH HOH B . 
F 4 HOH 75 175 175 HOH HOH B . 
F 4 HOH 76 178 178 HOH HOH B . 
F 4 HOH 77 180 180 HOH HOH B . 
F 4 HOH 78 184 184 HOH HOH B . 
F 4 HOH 79 185 185 HOH HOH B . 
F 4 HOH 80 186 186 HOH HOH B . 
F 4 HOH 81 188 188 HOH HOH B . 
F 4 HOH 82 193 193 HOH HOH B . 
F 4 HOH 83 196 196 HOH HOH B . 
F 4 HOH 84 198 198 HOH HOH B . 
F 4 HOH 85 204 204 HOH HOH B . 
F 4 HOH 86 210 210 HOH HOH B . 
F 4 HOH 87 218 218 HOH HOH B . 
F 4 HOH 88 219 219 HOH HOH B . 
F 4 HOH 89 220 220 HOH HOH B . 
# 
loop_
_software.name 
_software.classification 
_software.version 
_software.citation_id 
_software.pdbx_ordinal 
SCALEPACK 'data scaling'   . ? 1 
X-PLOR    'model building' . ? 2 
SHELXL-97 refinement       . ? 3 
X-PLOR    phasing          . ? 4 
# 
_cell.entry_id           1FMS 
_cell.length_a           25.567 
_cell.length_b           40.236 
_cell.length_c           65.567 
_cell.angle_alpha        90.00 
_cell.angle_beta         90.00 
_cell.angle_gamma        90.00 
_cell.Z_PDB              8 
_cell.pdbx_unique_axis   ? 
# 
_symmetry.entry_id                         1FMS 
_symmetry.space_group_name_H-M             'P 21 21 21' 
_symmetry.pdbx_full_space_group_name_H-M   ? 
_symmetry.cell_setting                     orthorhombic 
_symmetry.Int_Tables_number                19 
_symmetry.space_group_name_Hall            ? 
# 
_exptl.entry_id          1FMS 
_exptl.method            'X-RAY DIFFRACTION' 
_exptl.crystals_number   1 
# 
_exptl_crystal.id                    1 
_exptl_crystal.density_meas          ? 
_exptl_crystal.density_percent_sol   44.22 
_exptl_crystal.density_Matthews      2.21 
_exptl_crystal.description           ? 
_exptl_crystal.F_000                 ? 
_exptl_crystal.preparation           ? 
# 
_exptl_crystal_grow.crystal_id      1 
_exptl_crystal_grow.method          'VAPOR DIFFUSION, SITTING DROP' 
_exptl_crystal_grow.pH              7 
_exptl_crystal_grow.temp            291 
_exptl_crystal_grow.temp_details    ? 
_exptl_crystal_grow.pdbx_details    
;MgCl2 2ul 100mM, Spermine 1ul 10mM, Oligonucleotide 2ul 2mM, Drug 2ul 3mM,
MPD 3ul 30% v/v, pH 7, VAPOR DIFFUSION, SITTING DROP, temperature 291K
;
_exptl_crystal_grow.pdbx_pH_range   . 
# 
loop_
_exptl_crystal_grow_comp.crystal_id 
_exptl_crystal_grow_comp.id 
_exptl_crystal_grow_comp.sol_id 
_exptl_crystal_grow_comp.name 
_exptl_crystal_grow_comp.conc 
_exptl_crystal_grow_comp.volume 
_exptl_crystal_grow_comp.details 
1 1 1 MgCl2    ? ? ? 
1 2 1 Spermine ? ? ? 
1 3 1 MPD      ? ? ? 
1 4 2 MPD      ? ? ? 
# 
_diffrn.id                     1 
_diffrn.ambient_temp           100 
_diffrn.ambient_temp_details   ? 
_diffrn.crystal_id             1 
# 
_diffrn_detector.diffrn_id              1 
_diffrn_detector.detector               'IMAGE PLATE' 
_diffrn_detector.type                   'RIGAKU RAXIS IIC' 
_diffrn_detector.pdbx_collection_date   ? 
_diffrn_detector.details                ? 
# 
_diffrn_radiation.diffrn_id                        1 
_diffrn_radiation.wavelength_id                    1 
_diffrn_radiation.monochromator                    ? 
_diffrn_radiation.pdbx_monochromatic_or_laue_m_l   M 
_diffrn_radiation.pdbx_diffrn_protocol             'SINGLE WAVELENGTH' 
_diffrn_radiation.pdbx_scattering_type             x-ray 
# 
_diffrn_radiation_wavelength.id           1 
_diffrn_radiation_wavelength.wavelength   1.5418 
_diffrn_radiation_wavelength.wt           1.0 
# 
_diffrn_source.diffrn_id                   1 
_diffrn_source.source                      'ROTATING ANODE' 
_diffrn_source.type                        'RIGAKU RU200' 
_diffrn_source.pdbx_wavelength             1.5418 
_diffrn_source.pdbx_synchrotron_site       ? 
_diffrn_source.pdbx_synchrotron_beamline   ? 
_diffrn_source.pdbx_wavelength_list        ? 
# 
_reflns.entry_id                     1FMS 
_reflns.observed_criterion_sigma_I   1.0 
_reflns.observed_criterion_sigma_F   2.0 
_reflns.d_resolution_low             10. 
_reflns.d_resolution_high            1.9 
_reflns.number_obs                   5492 
_reflns.number_all                   5750 
_reflns.percent_possible_obs         95.5 
_reflns.pdbx_Rmerge_I_obs            0.035 
_reflns.pdbx_Rsym_value              ? 
_reflns.pdbx_netI_over_sigmaI        ? 
_reflns.B_iso_Wilson_estimate        ? 
_reflns.pdbx_redundancy              5 
_reflns.R_free_details               ? 
_reflns.pdbx_chi_squared             ? 
_reflns.pdbx_scaling_rejects         ? 
_reflns.pdbx_diffrn_id               1 
_reflns.pdbx_ordinal                 1 
# 
_refine.entry_id                                 1FMS 
_refine.ls_number_reflns_obs                     5492 
_refine.ls_number_reflns_all                     5750 
_refine.pdbx_ls_sigma_I                          1.0 
_refine.pdbx_ls_sigma_F                          2.0 
_refine.pdbx_data_cutoff_high_absF               ? 
_refine.pdbx_data_cutoff_low_absF                ? 
_refine.ls_d_res_low                             10. 
_refine.ls_d_res_high                            1.9 
_refine.ls_percent_reflns_obs                    95.5 
_refine.ls_R_factor_obs                          0.217 
_refine.ls_R_factor_all                          0.208 
_refine.ls_R_factor_R_work                       ? 
_refine.ls_R_factor_R_free                       0.28 
_refine.ls_R_factor_R_free_error                 ? 
_refine.ls_R_factor_R_free_error_details         ? 
_refine.ls_percent_reflns_R_free                 5.0 
_refine.ls_number_reflns_R_free                  275 
_refine.ls_number_parameters                     ? 
_refine.ls_number_restraints                     ? 
_refine.occupancy_min                            ? 
_refine.occupancy_max                            ? 
_refine.B_iso_mean                               ? 
_refine.aniso_B[1][1]                            ? 
_refine.aniso_B[2][2]                            ? 
_refine.aniso_B[3][3]                            ? 
_refine.aniso_B[1][2]                            ? 
_refine.aniso_B[1][3]                            ? 
_refine.aniso_B[2][3]                            ? 
_refine.solvent_model_details                    ? 
_refine.solvent_model_param_ksol                 ? 
_refine.solvent_model_param_bsol                 ? 
_refine.pdbx_ls_cross_valid_method               THROUGHOUT 
_refine.details                                  ? 
_refine.pdbx_starting_model                      ? 
_refine.pdbx_method_to_determine_struct          ? 
_refine.pdbx_isotropic_thermal_model             ? 
_refine.pdbx_stereochemistry_target_values       'Parkinson et al.' 
_refine.pdbx_stereochem_target_val_spec_case     ? 
_refine.pdbx_R_Free_selection_details            random 
_refine.pdbx_overall_ESU_R_Free                  ? 
_refine.overall_SU_B                             ? 
_refine.ls_redundancy_reflns_obs                 ? 
_refine.overall_SU_ML                            ? 
_refine.pdbx_overall_ESU_R                       ? 
_refine.pdbx_data_cutoff_high_rms_absF           ? 
_refine.correlation_coeff_Fo_to_Fc               ? 
_refine.correlation_coeff_Fo_to_Fc_free          ? 
_refine.overall_SU_R_Cruickshank_DPI             ? 
_refine.overall_SU_R_free                        ? 
_refine.pdbx_solvent_vdw_probe_radii             ? 
_refine.pdbx_solvent_ion_probe_radii             ? 
_refine.pdbx_solvent_shrinkage_radii             ? 
_refine.ls_wR_factor_R_free                      ? 
_refine.ls_wR_factor_R_work                      ? 
_refine.overall_FOM_free_R_set                   ? 
_refine.overall_FOM_work_R_set                   ? 
_refine.pdbx_refine_id                           'X-RAY DIFFRACTION' 
_refine.pdbx_diffrn_id                           1 
_refine.pdbx_TLS_residual_ADP_flag               ? 
_refine.pdbx_overall_phase_error                 ? 
_refine.pdbx_overall_SU_R_free_Cruickshank_DPI   ? 
_refine.pdbx_overall_SU_R_Blow_DPI               ? 
_refine.pdbx_overall_SU_R_free_Blow_DPI          ? 
# 
_refine_hist.pdbx_refine_id                   'X-RAY DIFFRACTION' 
_refine_hist.cycle_id                         LAST 
_refine_hist.pdbx_number_atoms_protein        0 
_refine_hist.pdbx_number_atoms_nucleic_acid   486 
_refine_hist.pdbx_number_atoms_ligand         42 
_refine_hist.number_atoms_solvent             181 
_refine_hist.number_atoms_total               709 
_refine_hist.d_res_high                       1.9 
_refine_hist.d_res_low                        10. 
# 
_struct.entry_id                  1FMS 
_struct.title                     'Structure of complex between cyclohexyl-bis-furamidine and d(CGCGAATTCGCG)' 
_struct.pdbx_model_details        ? 
_struct.pdbx_CASP_flag            ? 
_struct.pdbx_model_type_details   ? 
# 
_struct_keywords.entry_id        1FMS 
_struct_keywords.pdbx_keywords   DNA 
_struct_keywords.text            'DNA-drug minor groove complex, DNA' 
# 
loop_
_struct_asym.id 
_struct_asym.pdbx_blank_PDB_chainid_flag 
_struct_asym.pdbx_modified 
_struct_asym.entity_id 
_struct_asym.details 
A N N 1 ? 
B N N 1 ? 
C N N 2 ? 
D N N 3 ? 
E N N 4 ? 
F N N 4 ? 
# 
_struct_ref.id                         1 
_struct_ref.entity_id                  1 
_struct_ref.db_name                    PDB 
_struct_ref.db_code                    1FMS 
_struct_ref.pdbx_db_accession          1FMS 
_struct_ref.pdbx_db_isoform            ? 
_struct_ref.pdbx_seq_one_letter_code   ? 
_struct_ref.pdbx_align_begin           ? 
# 
loop_
_struct_ref_seq.align_id 
_struct_ref_seq.ref_id 
_struct_ref_seq.pdbx_PDB_id_code 
_struct_ref_seq.pdbx_strand_id 
_struct_ref_seq.seq_align_beg 
_struct_ref_seq.pdbx_seq_align_beg_ins_code 
_struct_ref_seq.seq_align_end 
_struct_ref_seq.pdbx_seq_align_end_ins_code 
_struct_ref_seq.pdbx_db_accession 
_struct_ref_seq.db_align_beg 
_struct_ref_seq.pdbx_db_align_beg_ins_code 
_struct_ref_seq.db_align_end 
_struct_ref_seq.pdbx_db_align_end_ins_code 
_struct_ref_seq.pdbx_auth_seq_align_beg 
_struct_ref_seq.pdbx_auth_seq_align_end 
1 1 1FMS A 1 ? 12 ? 1FMS 1  ? 12 ? 1  12 
2 1 1FMS B 1 ? 12 ? 1FMS 13 ? 24 ? 13 24 
# 
_pdbx_struct_assembly.id                   1 
_pdbx_struct_assembly.details              author_defined_assembly 
_pdbx_struct_assembly.method_details       ? 
_pdbx_struct_assembly.oligomeric_details   dimeric 
_pdbx_struct_assembly.oligomeric_count     2 
# 
_pdbx_struct_assembly_gen.assembly_id       1 
_pdbx_struct_assembly_gen.oper_expression   1 
_pdbx_struct_assembly_gen.asym_id_list      A,B,C,D,E,F 
# 
_pdbx_struct_oper_list.id                   1 
_pdbx_struct_oper_list.type                 'identity operation' 
_pdbx_struct_oper_list.name                 1_555 
_pdbx_struct_oper_list.symmetry_operation   x,y,z 
_pdbx_struct_oper_list.matrix[1][1]         1.0000000000 
_pdbx_struct_oper_list.matrix[1][2]         0.0000000000 
_pdbx_struct_oper_list.matrix[1][3]         0.0000000000 
_pdbx_struct_oper_list.vector[1]            0.0000000000 
_pdbx_struct_oper_list.matrix[2][1]         0.0000000000 
_pdbx_struct_oper_list.matrix[2][2]         1.0000000000 
_pdbx_struct_oper_list.matrix[2][3]         0.0000000000 
_pdbx_struct_oper_list.vector[2]            0.0000000000 
_pdbx_struct_oper_list.matrix[3][1]         0.0000000000 
_pdbx_struct_oper_list.matrix[3][2]         0.0000000000 
_pdbx_struct_oper_list.matrix[3][3]         1.0000000000 
_pdbx_struct_oper_list.vector[3]            0.0000000000 
# 
_struct_biol.id                    1 
_struct_biol.pdbx_parent_biol_id   ? 
_struct_biol.details               ? 
# 
loop_
_struct_conn.id 
_struct_conn.conn_type_id 
_struct_conn.pdbx_leaving_atom_flag 
_struct_conn.pdbx_PDB_id 
_struct_conn.ptnr1_label_asym_id 
_struct_conn.ptnr1_label_comp_id 
_struct_conn.ptnr1_label_seq_id 
_struct_conn.ptnr1_label_atom_id 
_struct_conn.pdbx_ptnr1_label_alt_id 
_struct_conn.pdbx_ptnr1_PDB_ins_code 
_struct_conn.pdbx_ptnr1_standard_comp_id 
_struct_conn.ptnr1_symmetry 
_struct_conn.ptnr2_label_asym_id 
_struct_conn.ptnr2_label_comp_id 
_struct_conn.ptnr2_label_seq_id 
_struct_conn.ptnr2_label_atom_id 
_struct_conn.pdbx_ptnr2_label_alt_id 
_struct_conn.pdbx_ptnr2_PDB_ins_code 
_struct_conn.ptnr1_auth_asym_id 
_struct_conn.ptnr1_auth_comp_id 
_struct_conn.ptnr1_auth_seq_id 
_struct_conn.ptnr2_auth_asym_id 
_struct_conn.ptnr2_auth_comp_id 
_struct_conn.ptnr2_auth_seq_id 
_struct_conn.ptnr2_symmetry 
_struct_conn.pdbx_ptnr3_label_atom_id 
_struct_conn.pdbx_ptnr3_label_seq_id 
_struct_conn.pdbx_ptnr3_label_comp_id 
_struct_conn.pdbx_ptnr3_label_asym_id 
_struct_conn.pdbx_ptnr3_label_alt_id 
_struct_conn.pdbx_ptnr3_PDB_ins_code 
_struct_conn.details 
_struct_conn.pdbx_dist_value 
_struct_conn.pdbx_value_order 
_struct_conn.pdbx_role 
metalc1  metalc ? ? C MG .  MG ? ? ? 1_555 E HOH .  O  ? ? A MG 26 A HOH 221 1_555 ? ? ? ? ? ? ?            2.015 ? ? 
metalc2  metalc ? ? C MG .  MG ? ? ? 1_555 E HOH .  O  ? ? A MG 26 A HOH 222 1_555 ? ? ? ? ? ? ?            2.021 ? ? 
metalc3  metalc ? ? C MG .  MG ? ? ? 1_555 E HOH .  O  ? ? A MG 26 A HOH 223 1_555 ? ? ? ? ? ? ?            2.009 ? ? 
metalc4  metalc ? ? C MG .  MG ? ? ? 1_555 E HOH .  O  ? ? A MG 26 A HOH 224 1_555 ? ? ? ? ? ? ?            2.005 ? ? 
metalc5  metalc ? ? C MG .  MG ? ? ? 1_555 E HOH .  O  ? ? A MG 26 A HOH 225 1_555 ? ? ? ? ? ? ?            2.032 ? ? 
metalc6  metalc ? ? C MG .  MG ? ? ? 1_555 E HOH .  O  ? ? A MG 26 A HOH 226 1_555 ? ? ? ? ? ? ?            2.029 ? ? 
hydrog1  hydrog ? ? A DC 1  N3 ? ? ? 1_555 B DG  12 N1 ? ? A DC 1  B DG  24  1_555 ? ? ? ? ? ? WATSON-CRICK ?     ? ? 
hydrog2  hydrog ? ? A DC 1  N4 ? ? ? 1_555 B DG  12 O6 ? ? A DC 1  B DG  24  1_555 ? ? ? ? ? ? WATSON-CRICK ?     ? ? 
hydrog3  hydrog ? ? A DC 1  O2 ? ? ? 1_555 B DG  12 N2 ? ? A DC 1  B DG  24  1_555 ? ? ? ? ? ? WATSON-CRICK ?     ? ? 
hydrog4  hydrog ? ? A DG 2  N1 ? ? ? 1_555 B DC  11 N3 ? ? A DG 2  B DC  23  1_555 ? ? ? ? ? ? WATSON-CRICK ?     ? ? 
hydrog5  hydrog ? ? A DG 2  N2 ? ? ? 1_555 B DC  11 O2 ? ? A DG 2  B DC  23  1_555 ? ? ? ? ? ? WATSON-CRICK ?     ? ? 
hydrog6  hydrog ? ? A DG 2  O6 ? ? ? 1_555 B DC  11 N4 ? ? A DG 2  B DC  23  1_555 ? ? ? ? ? ? WATSON-CRICK ?     ? ? 
hydrog7  hydrog ? ? A DC 3  N3 ? ? ? 1_555 B DG  10 N1 ? ? A DC 3  B DG  22  1_555 ? ? ? ? ? ? WATSON-CRICK ?     ? ? 
hydrog8  hydrog ? ? A DC 3  N4 ? ? ? 1_555 B DG  10 O6 ? ? A DC 3  B DG  22  1_555 ? ? ? ? ? ? WATSON-CRICK ?     ? ? 
hydrog9  hydrog ? ? A DC 3  O2 ? ? ? 1_555 B DG  10 N2 ? ? A DC 3  B DG  22  1_555 ? ? ? ? ? ? WATSON-CRICK ?     ? ? 
hydrog10 hydrog ? ? A DG 4  N1 ? ? ? 1_555 B DC  9  N3 ? ? A DG 4  B DC  21  1_555 ? ? ? ? ? ? WATSON-CRICK ?     ? ? 
hydrog11 hydrog ? ? A DG 4  N2 ? ? ? 1_555 B DC  9  O2 ? ? A DG 4  B DC  21  1_555 ? ? ? ? ? ? WATSON-CRICK ?     ? ? 
hydrog12 hydrog ? ? A DG 4  O6 ? ? ? 1_555 B DC  9  N4 ? ? A DG 4  B DC  21  1_555 ? ? ? ? ? ? WATSON-CRICK ?     ? ? 
hydrog13 hydrog ? ? A DA 5  N1 ? ? ? 1_555 B DT  8  N3 ? ? A DA 5  B DT  20  1_555 ? ? ? ? ? ? WATSON-CRICK ?     ? ? 
hydrog14 hydrog ? ? A DA 5  N6 ? ? ? 1_555 B DT  8  O4 ? ? A DA 5  B DT  20  1_555 ? ? ? ? ? ? WATSON-CRICK ?     ? ? 
hydrog15 hydrog ? ? A DA 6  N1 ? ? ? 1_555 B DT  7  N3 ? ? A DA 6  B DT  19  1_555 ? ? ? ? ? ? WATSON-CRICK ?     ? ? 
hydrog16 hydrog ? ? A DA 6  N6 ? ? ? 1_555 B DT  7  O4 ? ? A DA 6  B DT  19  1_555 ? ? ? ? ? ? WATSON-CRICK ?     ? ? 
hydrog17 hydrog ? ? A DT 7  N3 ? ? ? 1_555 B DA  6  N1 ? ? A DT 7  B DA  18  1_555 ? ? ? ? ? ? WATSON-CRICK ?     ? ? 
hydrog18 hydrog ? ? A DT 7  O4 ? ? ? 1_555 B DA  6  N6 ? ? A DT 7  B DA  18  1_555 ? ? ? ? ? ? WATSON-CRICK ?     ? ? 
hydrog19 hydrog ? ? A DT 8  N3 ? ? ? 1_555 B DA  5  N1 ? ? A DT 8  B DA  17  1_555 ? ? ? ? ? ? WATSON-CRICK ?     ? ? 
hydrog20 hydrog ? ? A DT 8  O4 ? ? ? 1_555 B DA  5  N6 ? ? A DT 8  B DA  17  1_555 ? ? ? ? ? ? WATSON-CRICK ?     ? ? 
hydrog21 hydrog ? ? A DC 9  N3 ? ? ? 1_555 B DG  4  N1 ? ? A DC 9  B DG  16  1_555 ? ? ? ? ? ? WATSON-CRICK ?     ? ? 
hydrog22 hydrog ? ? A DC 9  N4 ? ? ? 1_555 B DG  4  O6 ? ? A DC 9  B DG  16  1_555 ? ? ? ? ? ? WATSON-CRICK ?     ? ? 
hydrog23 hydrog ? ? A DC 9  O2 ? ? ? 1_555 B DG  4  N2 ? ? A DC 9  B DG  16  1_555 ? ? ? ? ? ? WATSON-CRICK ?     ? ? 
hydrog24 hydrog ? ? A DG 10 N1 ? ? ? 1_555 B DC  3  N3 ? ? A DG 10 B DC  15  1_555 ? ? ? ? ? ? WATSON-CRICK ?     ? ? 
hydrog25 hydrog ? ? A DG 10 N2 ? ? ? 1_555 B DC  3  O2 ? ? A DG 10 B DC  15  1_555 ? ? ? ? ? ? WATSON-CRICK ?     ? ? 
hydrog26 hydrog ? ? A DG 10 O6 ? ? ? 1_555 B DC  3  N4 ? ? A DG 10 B DC  15  1_555 ? ? ? ? ? ? WATSON-CRICK ?     ? ? 
hydrog27 hydrog ? ? A DC 11 N3 ? ? ? 1_555 B DG  2  N1 ? ? A DC 11 B DG  14  1_555 ? ? ? ? ? ? WATSON-CRICK ?     ? ? 
hydrog28 hydrog ? ? A DC 11 N4 ? ? ? 1_555 B DG  2  O6 ? ? A DC 11 B DG  14  1_555 ? ? ? ? ? ? WATSON-CRICK ?     ? ? 
hydrog29 hydrog ? ? A DC 11 O2 ? ? ? 1_555 B DG  2  N2 ? ? A DC 11 B DG  14  1_555 ? ? ? ? ? ? WATSON-CRICK ?     ? ? 
hydrog30 hydrog ? ? A DG 12 N1 ? ? ? 1_555 B DC  1  N3 ? ? A DG 12 B DC  13  1_555 ? ? ? ? ? ? WATSON-CRICK ?     ? ? 
hydrog31 hydrog ? ? A DG 12 N2 ? ? ? 1_555 B DC  1  O2 ? ? A DG 12 B DC  13  1_555 ? ? ? ? ? ? WATSON-CRICK ?     ? ? 
hydrog32 hydrog ? ? A DG 12 O6 ? ? ? 1_555 B DC  1  N4 ? ? A DG 12 B DC  13  1_555 ? ? ? ? ? ? WATSON-CRICK ?     ? ? 
# 
loop_
_struct_conn_type.id 
_struct_conn_type.criteria 
_struct_conn_type.reference 
metalc ? ? 
hydrog ? ? 
# 
loop_
_pdbx_struct_conn_angle.id 
_pdbx_struct_conn_angle.ptnr1_label_atom_id 
_pdbx_struct_conn_angle.ptnr1_label_alt_id 
_pdbx_struct_conn_angle.ptnr1_label_asym_id 
_pdbx_struct_conn_angle.ptnr1_label_comp_id 
_pdbx_struct_conn_angle.ptnr1_label_seq_id 
_pdbx_struct_conn_angle.ptnr1_auth_atom_id 
_pdbx_struct_conn_angle.ptnr1_auth_asym_id 
_pdbx_struct_conn_angle.ptnr1_auth_comp_id 
_pdbx_struct_conn_angle.ptnr1_auth_seq_id 
_pdbx_struct_conn_angle.ptnr1_PDB_ins_code 
_pdbx_struct_conn_angle.ptnr1_symmetry 
_pdbx_struct_conn_angle.ptnr2_label_atom_id 
_pdbx_struct_conn_angle.ptnr2_label_alt_id 
_pdbx_struct_conn_angle.ptnr2_label_asym_id 
_pdbx_struct_conn_angle.ptnr2_label_comp_id 
_pdbx_struct_conn_angle.ptnr2_label_seq_id 
_pdbx_struct_conn_angle.ptnr2_auth_atom_id 
_pdbx_struct_conn_angle.ptnr2_auth_asym_id 
_pdbx_struct_conn_angle.ptnr2_auth_comp_id 
_pdbx_struct_conn_angle.ptnr2_auth_seq_id 
_pdbx_struct_conn_angle.ptnr2_PDB_ins_code 
_pdbx_struct_conn_angle.ptnr2_symmetry 
_pdbx_struct_conn_angle.ptnr3_label_atom_id 
_pdbx_struct_conn_angle.ptnr3_label_alt_id 
_pdbx_struct_conn_angle.ptnr3_label_asym_id 
_pdbx_struct_conn_angle.ptnr3_label_comp_id 
_pdbx_struct_conn_angle.ptnr3_label_seq_id 
_pdbx_struct_conn_angle.ptnr3_auth_atom_id 
_pdbx_struct_conn_angle.ptnr3_auth_asym_id 
_pdbx_struct_conn_angle.ptnr3_auth_comp_id 
_pdbx_struct_conn_angle.ptnr3_auth_seq_id 
_pdbx_struct_conn_angle.ptnr3_PDB_ins_code 
_pdbx_struct_conn_angle.ptnr3_symmetry 
_pdbx_struct_conn_angle.value 
_pdbx_struct_conn_angle.value_esd 
1  O ? E HOH . ? A HOH 221 ? 1_555 MG ? C MG . ? A MG 26 ? 1_555 O ? E HOH . ? A HOH 222 ? 1_555 90.0  ? 
2  O ? E HOH . ? A HOH 221 ? 1_555 MG ? C MG . ? A MG 26 ? 1_555 O ? E HOH . ? A HOH 223 ? 1_555 179.2 ? 
3  O ? E HOH . ? A HOH 222 ? 1_555 MG ? C MG . ? A MG 26 ? 1_555 O ? E HOH . ? A HOH 223 ? 1_555 89.4  ? 
4  O ? E HOH . ? A HOH 221 ? 1_555 MG ? C MG . ? A MG 26 ? 1_555 O ? E HOH . ? A HOH 224 ? 1_555 90.3  ? 
5  O ? E HOH . ? A HOH 222 ? 1_555 MG ? C MG . ? A MG 26 ? 1_555 O ? E HOH . ? A HOH 224 ? 1_555 178.5 ? 
6  O ? E HOH . ? A HOH 223 ? 1_555 MG ? C MG . ? A MG 26 ? 1_555 O ? E HOH . ? A HOH 224 ? 1_555 90.4  ? 
7  O ? E HOH . ? A HOH 221 ? 1_555 MG ? C MG . ? A MG 26 ? 1_555 O ? E HOH . ? A HOH 225 ? 1_555 89.8  ? 
8  O ? E HOH . ? A HOH 222 ? 1_555 MG ? C MG . ? A MG 26 ? 1_555 O ? E HOH . ? A HOH 225 ? 1_555 87.6  ? 
9  O ? E HOH . ? A HOH 223 ? 1_555 MG ? C MG . ? A MG 26 ? 1_555 O ? E HOH . ? A HOH 225 ? 1_555 90.6  ? 
10 O ? E HOH . ? A HOH 224 ? 1_555 MG ? C MG . ? A MG 26 ? 1_555 O ? E HOH . ? A HOH 225 ? 1_555 90.9  ? 
11 O ? E HOH . ? A HOH 221 ? 1_555 MG ? C MG . ? A MG 26 ? 1_555 O ? E HOH . ? A HOH 226 ? 1_555 89.5  ? 
12 O ? E HOH . ? A HOH 222 ? 1_555 MG ? C MG . ? A MG 26 ? 1_555 O ? E HOH . ? A HOH 226 ? 1_555 90.2  ? 
13 O ? E HOH . ? A HOH 223 ? 1_555 MG ? C MG . ? A MG 26 ? 1_555 O ? E HOH . ? A HOH 226 ? 1_555 90.1  ? 
14 O ? E HOH . ? A HOH 224 ? 1_555 MG ? C MG . ? A MG 26 ? 1_555 O ? E HOH . ? A HOH 226 ? 1_555 91.2  ? 
15 O ? E HOH . ? A HOH 225 ? 1_555 MG ? C MG . ? A MG 26 ? 1_555 O ? E HOH . ? A HOH 226 ? 1_555 177.7 ? 
# 
loop_
_struct_site.id 
_struct_site.pdbx_evidence_code 
_struct_site.pdbx_auth_asym_id 
_struct_site.pdbx_auth_comp_id 
_struct_site.pdbx_auth_seq_id 
_struct_site.pdbx_auth_ins_code 
_struct_site.pdbx_num_residues 
_struct_site.details 
AC1 Software A MG  26 ? 6  'BINDING SITE FOR RESIDUE MG A 26'  
AC2 Software A D35 25 ? 13 'BINDING SITE FOR RESIDUE D35 A 25' 
1   ?        ? ?   ?  ? ?  ?                                   
# 
loop_
_struct_site_gen.id 
_struct_site_gen.site_id 
_struct_site_gen.pdbx_num_res 
_struct_site_gen.label_comp_id 
_struct_site_gen.label_asym_id 
_struct_site_gen.label_seq_id 
_struct_site_gen.pdbx_auth_ins_code 
_struct_site_gen.auth_comp_id 
_struct_site_gen.auth_asym_id 
_struct_site_gen.auth_seq_id 
_struct_site_gen.label_atom_id 
_struct_site_gen.label_alt_id 
_struct_site_gen.symmetry 
_struct_site_gen.details 
1  AC1 6  HOH E .  ? HOH A 221 . ? 1_555 ? 
2  AC1 6  HOH E .  ? HOH A 222 . ? 1_555 ? 
3  AC1 6  HOH E .  ? HOH A 223 . ? 1_555 ? 
4  AC1 6  HOH E .  ? HOH A 224 . ? 1_555 ? 
5  AC1 6  HOH E .  ? HOH A 225 . ? 1_555 ? 
6  AC1 6  HOH E .  ? HOH A 226 . ? 1_555 ? 
7  AC2 13 DA  A 6  ? DA  A 6   . ? 1_555 ? 
8  AC2 13 DT  A 7  ? DT  A 7   . ? 1_555 ? 
9  AC2 13 DT  A 8  ? DT  A 8   . ? 1_555 ? 
10 AC2 13 DC  A 9  ? DC  A 9   . ? 1_555 ? 
11 AC2 13 DG  A 10 ? DG  A 10  . ? 1_555 ? 
12 AC2 13 HOH E .  ? HOH A 44  . ? 1_555 ? 
13 AC2 13 HOH E .  ? HOH A 80  . ? 1_555 ? 
14 AC2 13 HOH E .  ? HOH A 209 . ? 1_555 ? 
15 AC2 13 DA  B 6  ? DA  B 18  . ? 1_555 ? 
16 AC2 13 DT  B 7  ? DT  B 19  . ? 1_555 ? 
17 AC2 13 DT  B 8  ? DT  B 20  . ? 1_555 ? 
18 AC2 13 DC  B 9  ? DC  B 21  . ? 1_555 ? 
19 AC2 13 HOH F .  ? HOH B 71  . ? 1_555 ? 
# 
loop_
_pdbx_validate_rmsd_angle.id 
_pdbx_validate_rmsd_angle.PDB_model_num 
_pdbx_validate_rmsd_angle.auth_atom_id_1 
_pdbx_validate_rmsd_angle.auth_asym_id_1 
_pdbx_validate_rmsd_angle.auth_comp_id_1 
_pdbx_validate_rmsd_angle.auth_seq_id_1 
_pdbx_validate_rmsd_angle.PDB_ins_code_1 
_pdbx_validate_rmsd_angle.label_alt_id_1 
_pdbx_validate_rmsd_angle.auth_atom_id_2 
_pdbx_validate_rmsd_angle.auth_asym_id_2 
_pdbx_validate_rmsd_angle.auth_comp_id_2 
_pdbx_validate_rmsd_angle.auth_seq_id_2 
_pdbx_validate_rmsd_angle.PDB_ins_code_2 
_pdbx_validate_rmsd_angle.label_alt_id_2 
_pdbx_validate_rmsd_angle.auth_atom_id_3 
_pdbx_validate_rmsd_angle.auth_asym_id_3 
_pdbx_validate_rmsd_angle.auth_comp_id_3 
_pdbx_validate_rmsd_angle.auth_seq_id_3 
_pdbx_validate_rmsd_angle.PDB_ins_code_3 
_pdbx_validate_rmsd_angle.label_alt_id_3 
_pdbx_validate_rmsd_angle.angle_value 
_pdbx_validate_rmsd_angle.angle_target_value 
_pdbx_validate_rmsd_angle.angle_deviation 
_pdbx_validate_rmsd_angle.angle_standard_deviation 
_pdbx_validate_rmsd_angle.linker_flag 
1  1 "O4'" A DC 1  ? ? "C1'" A DC 1  ? ? N1    A DC 1  ? ? 101.22 108.00 -6.78  0.70 N 
2  1 "O4'" A DG 2  ? ? "C1'" A DG 2  ? ? N9    A DG 2  ? ? 102.11 108.00 -5.89  0.70 N 
3  1 "O4'" A DC 3  ? ? "C1'" A DC 3  ? ? N1    A DC 3  ? ? 99.58  108.00 -8.42  0.70 N 
4  1 C6    A DC 3  ? ? N1    A DC 3  ? ? "C1'" A DC 3  ? ? 128.79 120.80 7.99   1.20 N 
5  1 C2    A DC 3  ? ? N1    A DC 3  ? ? "C1'" A DC 3  ? ? 111.05 118.80 -7.75  1.10 N 
6  1 "O4'" A DA 5  ? ? "C1'" A DA 5  ? ? N9    A DA 5  ? ? 101.02 108.00 -6.98  0.70 N 
7  1 "O4'" A DA 6  ? ? "C1'" A DA 6  ? ? N9    A DA 6  ? ? 101.00 108.00 -7.00  0.70 N 
8  1 "O4'" A DT 7  ? ? "C1'" A DT 7  ? ? N1    A DT 7  ? ? 96.36  108.00 -11.64 0.70 N 
9  1 "O4'" A DT 8  ? ? "C1'" A DT 8  ? ? N1    A DT 8  ? ? 97.30  108.00 -10.70 0.70 N 
10 1 "O4'" A DC 9  ? ? "C1'" A DC 9  ? ? N1    A DC 9  ? ? 97.94  108.00 -10.06 0.70 N 
11 1 N1    A DG 10 ? ? C6    A DG 10 ? ? O6    A DG 10 ? ? 123.56 119.90 3.66   0.60 N 
12 1 N1    A DC 11 ? ? "C1'" A DC 11 ? ? "C2'" A DC 11 ? ? 124.01 114.30 9.71   1.40 N 
13 1 "O4'" A DC 11 ? ? "C1'" A DC 11 ? ? N1    A DC 11 ? ? 98.76  108.00 -9.24  0.70 N 
14 1 "O4'" A DG 12 ? ? "C1'" A DG 12 ? ? N9    A DG 12 ? ? 100.98 108.00 -7.02  0.70 N 
15 1 C5    A DG 12 ? ? C6    A DG 12 ? ? O6    A DG 12 ? ? 125.00 128.60 -3.60  0.60 N 
16 1 "O5'" B DC 13 ? ? "C5'" B DC 13 ? ? "C4'" B DC 13 ? ? 84.00  109.40 -25.40 0.80 N 
17 1 "O4'" B DC 13 ? ? "C1'" B DC 13 ? ? N1    B DC 13 ? ? 98.87  108.00 -9.13  0.70 N 
18 1 "O4'" B DG 14 ? ? "C1'" B DG 14 ? ? N9    B DG 14 ? ? 102.18 108.00 -5.82  0.70 N 
19 1 "O4'" B DC 15 ? ? "C1'" B DC 15 ? ? N1    B DC 15 ? ? 98.04  108.00 -9.96  0.70 N 
20 1 "O4'" B DA 17 ? ? "C1'" B DA 17 ? ? N9    B DA 17 ? ? 101.84 108.00 -6.16  0.70 N 
21 1 "O4'" B DA 18 ? ? "C1'" B DA 18 ? ? N9    B DA 18 ? ? 100.89 108.00 -7.11  0.70 N 
22 1 "O4'" B DT 19 ? ? "C1'" B DT 19 ? ? N1    B DT 19 ? ? 97.65  108.00 -10.35 0.70 N 
23 1 N1    B DT 20 ? ? "C1'" B DT 20 ? ? "C2'" B DT 20 ? ? 122.93 114.30 8.63   1.40 N 
24 1 "O4'" B DT 20 ? ? "C1'" B DT 20 ? ? N1    B DT 20 ? ? 95.38  108.00 -12.62 0.70 N 
25 1 N1    B DC 21 ? ? "C1'" B DC 21 ? ? "C2'" B DC 21 ? ? 123.67 114.30 9.37   1.40 N 
26 1 "O4'" B DC 21 ? ? "C1'" B DC 21 ? ? N1    B DC 21 ? ? 97.68  108.00 -10.32 0.70 N 
27 1 C5    B DG 22 ? ? C6    B DG 22 ? ? O6    B DG 22 ? ? 124.73 128.60 -3.87  0.60 N 
28 1 "O4'" B DC 23 ? ? "C1'" B DC 23 ? ? N1    B DC 23 ? ? 97.42  108.00 -10.58 0.70 N 
29 1 C2    B DC 23 ? ? N1    B DC 23 ? ? "C1'" B DC 23 ? ? 112.18 118.80 -6.62  1.10 N 
# 
loop_
_pdbx_validate_chiral.id 
_pdbx_validate_chiral.PDB_model_num 
_pdbx_validate_chiral.auth_atom_id 
_pdbx_validate_chiral.label_alt_id 
_pdbx_validate_chiral.auth_asym_id 
_pdbx_validate_chiral.auth_comp_id 
_pdbx_validate_chiral.auth_seq_id 
_pdbx_validate_chiral.PDB_ins_code 
_pdbx_validate_chiral.details 
_pdbx_validate_chiral.omega 
1 1 C7    ? A D35 25 ? PLANAR . 
2 1 "C7'" ? A D35 25 ? PLANAR . 
# 
_struct_site_keywords.site_id   1 
_struct_site_keywords.text      'MINOR GROOVE BINDER' 
# 
loop_
_chem_comp_atom.comp_id 
_chem_comp_atom.atom_id 
_chem_comp_atom.type_symbol 
_chem_comp_atom.pdbx_aromatic_flag 
_chem_comp_atom.pdbx_stereo_config 
_chem_comp_atom.pdbx_ordinal 
D35 C7     C  N S 1   
D35 N2     N  N N 2   
D35 N1     N  N N 3   
D35 C8     C  N N 4   
D35 C9     C  N N 5   
D35 C10    C  N N 6   
D35 C11    C  N N 7   
D35 C12    C  N N 8   
D35 C13    C  N N 9   
D35 C1     C  Y N 10  
D35 C2     C  Y N 11  
D35 C3     C  Y N 12  
D35 C4     C  Y N 13  
D35 C5     C  Y N 14  
D35 C6     C  Y N 15  
D35 CA     C  Y N 16  
D35 O1     O  Y N 17  
D35 CB     C  Y N 18  
D35 "CB'"  C  Y N 19  
D35 "CA'"  C  Y N 20  
D35 "C1'"  C  Y N 21  
D35 "C2'"  C  Y N 22  
D35 "C3'"  C  Y N 23  
D35 "C4'"  C  Y N 24  
D35 "C5'"  C  Y N 25  
D35 "C6'"  C  Y N 26  
D35 "C7'"  C  N R 27  
D35 "N2'"  N  N N 28  
D35 "N1'"  N  N N 29  
D35 "C8'"  C  N N 30  
D35 "C9'"  C  N N 31  
D35 CAX    C  N N 32  
D35 CBX    C  N N 33  
D35 CCX    C  N N 34  
D35 CDX    C  N N 35  
D35 H77    H  N N 36  
D35 HN2    H  N N 37  
D35 HN1    H  N N 38  
D35 HN2A   H  N N 39  
D35 H8     H  N N 40  
D35 H91    H  N N 41  
D35 H92    H  N N 42  
D35 H01    H  N N 43  
D35 H02    H  N N 44  
D35 H11    H  N N 45  
D35 H12    H  N N 46  
D35 H21    H  N N 47  
D35 H22    H  N N 48  
D35 H31    H  N N 49  
D35 H32    H  N N 50  
D35 H2     H  N N 51  
D35 H3     H  N N 52  
D35 H5     H  N N 53  
D35 H6     H  N N 54  
D35 HB     H  N N 55  
D35 "HB'"  H  N N 56  
D35 "H2'"  H  N N 57  
D35 "H3'"  H  N N 58  
D35 "H5'"  H  N N 59  
D35 "H6'"  H  N N 60  
D35 H7B    H  N N 61  
D35 "HN2'" H  N N 62  
D35 "HN'1" H  N N 63  
D35 "HN'2" H  N N 64  
D35 "H8'"  H  N N 65  
D35 "H9'1" H  N N 66  
D35 "H9'2" H  N N 67  
D35 "H0'1" H  N N 68  
D35 "H0'2" H  N N 69  
D35 "H1'1" H  N N 70  
D35 "H1'2" H  N N 71  
D35 "H2'1" H  N N 72  
D35 "H2'2" H  N N 73  
D35 "H3'1" H  N N 74  
D35 "H3'2" H  N N 75  
DA  OP3    O  N N 76  
DA  P      P  N N 77  
DA  OP1    O  N N 78  
DA  OP2    O  N N 79  
DA  "O5'"  O  N N 80  
DA  "C5'"  C  N N 81  
DA  "C4'"  C  N R 82  
DA  "O4'"  O  N N 83  
DA  "C3'"  C  N S 84  
DA  "O3'"  O  N N 85  
DA  "C2'"  C  N N 86  
DA  "C1'"  C  N R 87  
DA  N9     N  Y N 88  
DA  C8     C  Y N 89  
DA  N7     N  Y N 90  
DA  C5     C  Y N 91  
DA  C6     C  Y N 92  
DA  N6     N  N N 93  
DA  N1     N  Y N 94  
DA  C2     C  Y N 95  
DA  N3     N  Y N 96  
DA  C4     C  Y N 97  
DA  HOP3   H  N N 98  
DA  HOP2   H  N N 99  
DA  "H5'"  H  N N 100 
DA  "H5''" H  N N 101 
DA  "H4'"  H  N N 102 
DA  "H3'"  H  N N 103 
DA  "HO3'" H  N N 104 
DA  "H2'"  H  N N 105 
DA  "H2''" H  N N 106 
DA  "H1'"  H  N N 107 
DA  H8     H  N N 108 
DA  H61    H  N N 109 
DA  H62    H  N N 110 
DA  H2     H  N N 111 
DC  OP3    O  N N 112 
DC  P      P  N N 113 
DC  OP1    O  N N 114 
DC  OP2    O  N N 115 
DC  "O5'"  O  N N 116 
DC  "C5'"  C  N N 117 
DC  "C4'"  C  N R 118 
DC  "O4'"  O  N N 119 
DC  "C3'"  C  N S 120 
DC  "O3'"  O  N N 121 
DC  "C2'"  C  N N 122 
DC  "C1'"  C  N R 123 
DC  N1     N  N N 124 
DC  C2     C  N N 125 
DC  O2     O  N N 126 
DC  N3     N  N N 127 
DC  C4     C  N N 128 
DC  N4     N  N N 129 
DC  C5     C  N N 130 
DC  C6     C  N N 131 
DC  HOP3   H  N N 132 
DC  HOP2   H  N N 133 
DC  "H5'"  H  N N 134 
DC  "H5''" H  N N 135 
DC  "H4'"  H  N N 136 
DC  "H3'"  H  N N 137 
DC  "HO3'" H  N N 138 
DC  "H2'"  H  N N 139 
DC  "H2''" H  N N 140 
DC  "H1'"  H  N N 141 
DC  H41    H  N N 142 
DC  H42    H  N N 143 
DC  H5     H  N N 144 
DC  H6     H  N N 145 
DG  OP3    O  N N 146 
DG  P      P  N N 147 
DG  OP1    O  N N 148 
DG  OP2    O  N N 149 
DG  "O5'"  O  N N 150 
DG  "C5'"  C  N N 151 
DG  "C4'"  C  N R 152 
DG  "O4'"  O  N N 153 
DG  "C3'"  C  N S 154 
DG  "O3'"  O  N N 155 
DG  "C2'"  C  N N 156 
DG  "C1'"  C  N R 157 
DG  N9     N  Y N 158 
DG  C8     C  Y N 159 
DG  N7     N  Y N 160 
DG  C5     C  Y N 161 
DG  C6     C  N N 162 
DG  O6     O  N N 163 
DG  N1     N  N N 164 
DG  C2     C  N N 165 
DG  N2     N  N N 166 
DG  N3     N  N N 167 
DG  C4     C  Y N 168 
DG  HOP3   H  N N 169 
DG  HOP2   H  N N 170 
DG  "H5'"  H  N N 171 
DG  "H5''" H  N N 172 
DG  "H4'"  H  N N 173 
DG  "H3'"  H  N N 174 
DG  "HO3'" H  N N 175 
DG  "H2'"  H  N N 176 
DG  "H2''" H  N N 177 
DG  "H1'"  H  N N 178 
DG  H8     H  N N 179 
DG  H1     H  N N 180 
DG  H21    H  N N 181 
DG  H22    H  N N 182 
DT  OP3    O  N N 183 
DT  P      P  N N 184 
DT  OP1    O  N N 185 
DT  OP2    O  N N 186 
DT  "O5'"  O  N N 187 
DT  "C5'"  C  N N 188 
DT  "C4'"  C  N R 189 
DT  "O4'"  O  N N 190 
DT  "C3'"  C  N S 191 
DT  "O3'"  O  N N 192 
DT  "C2'"  C  N N 193 
DT  "C1'"  C  N R 194 
DT  N1     N  N N 195 
DT  C2     C  N N 196 
DT  O2     O  N N 197 
DT  N3     N  N N 198 
DT  C4     C  N N 199 
DT  O4     O  N N 200 
DT  C5     C  N N 201 
DT  C7     C  N N 202 
DT  C6     C  N N 203 
DT  HOP3   H  N N 204 
DT  HOP2   H  N N 205 
DT  "H5'"  H  N N 206 
DT  "H5''" H  N N 207 
DT  "H4'"  H  N N 208 
DT  "H3'"  H  N N 209 
DT  "HO3'" H  N N 210 
DT  "H2'"  H  N N 211 
DT  "H2''" H  N N 212 
DT  "H1'"  H  N N 213 
DT  H3     H  N N 214 
DT  H71    H  N N 215 
DT  H72    H  N N 216 
DT  H73    H  N N 217 
DT  H6     H  N N 218 
HOH O      O  N N 219 
HOH H1     H  N N 220 
HOH H2     H  N N 221 
MG  MG     MG N N 222 
# 
loop_
_chem_comp_bond.comp_id 
_chem_comp_bond.atom_id_1 
_chem_comp_bond.atom_id_2 
_chem_comp_bond.value_order 
_chem_comp_bond.pdbx_aromatic_flag 
_chem_comp_bond.pdbx_stereo_config 
_chem_comp_bond.pdbx_ordinal 
D35 C7    N2     sing N N 1   
D35 C7    N1     sing N N 2   
D35 C7    C4     sing N N 3   
D35 C7    H77    sing N N 4   
D35 N2    C8     sing N N 5   
D35 N2    HN2    sing N N 6   
D35 N1    HN1    sing N N 7   
D35 N1    HN2A   sing N N 8   
D35 C8    C9     sing N N 9   
D35 C8    C13    sing N N 10  
D35 C8    H8     sing N N 11  
D35 C9    C10    sing N N 12  
D35 C9    H91    sing N N 13  
D35 C9    H92    sing N N 14  
D35 C10   C11    sing N N 15  
D35 C10   H01    sing N N 16  
D35 C10   H02    sing N N 17  
D35 C11   C12    sing N N 18  
D35 C11   H11    sing N N 19  
D35 C11   H12    sing N N 20  
D35 C12   C13    sing N N 21  
D35 C12   H21    sing N N 22  
D35 C12   H22    sing N N 23  
D35 C13   H31    sing N N 24  
D35 C13   H32    sing N N 25  
D35 C1    C2     doub Y N 26  
D35 C1    C6     sing Y N 27  
D35 C1    CA     sing Y N 28  
D35 C2    C3     sing Y N 29  
D35 C2    H2     sing N N 30  
D35 C3    C4     doub Y N 31  
D35 C3    H3     sing N N 32  
D35 C4    C5     sing Y N 33  
D35 C5    C6     doub Y N 34  
D35 C5    H5     sing N N 35  
D35 C6    H6     sing N N 36  
D35 CA    O1     sing Y N 37  
D35 CA    CB     doub Y N 38  
D35 O1    "CA'"  sing Y N 39  
D35 CB    "CB'"  sing Y N 40  
D35 CB    HB     sing N N 41  
D35 "CB'" "CA'"  doub Y N 42  
D35 "CB'" "HB'"  sing N N 43  
D35 "CA'" "C1'"  sing Y N 44  
D35 "C1'" "C2'"  doub Y N 45  
D35 "C1'" "C6'"  sing Y N 46  
D35 "C2'" "C3'"  sing Y N 47  
D35 "C2'" "H2'"  sing N N 48  
D35 "C3'" "C4'"  doub Y N 49  
D35 "C3'" "H3'"  sing N N 50  
D35 "C4'" "C5'"  sing Y N 51  
D35 "C4'" "C7'"  sing N N 52  
D35 "C5'" "C6'"  doub Y N 53  
D35 "C5'" "H5'"  sing N N 54  
D35 "C6'" "H6'"  sing N N 55  
D35 "C7'" "N2'"  sing N N 56  
D35 "C7'" "N1'"  sing N N 57  
D35 "C7'" H7B    sing N N 58  
D35 "N2'" "C8'"  sing N N 59  
D35 "N2'" "HN2'" sing N N 60  
D35 "N1'" "HN'1" sing N N 61  
D35 "N1'" "HN'2" sing N N 62  
D35 "C8'" "C9'"  sing N N 63  
D35 "C8'" CDX    sing N N 64  
D35 "C8'" "H8'"  sing N N 65  
D35 "C9'" CAX    sing N N 66  
D35 "C9'" "H9'1" sing N N 67  
D35 "C9'" "H9'2" sing N N 68  
D35 CAX   CBX    sing N N 69  
D35 CAX   "H0'1" sing N N 70  
D35 CAX   "H0'2" sing N N 71  
D35 CBX   CCX    sing N N 72  
D35 CBX   "H1'1" sing N N 73  
D35 CBX   "H1'2" sing N N 74  
D35 CCX   CDX    sing N N 75  
D35 CCX   "H2'1" sing N N 76  
D35 CCX   "H2'2" sing N N 77  
D35 CDX   "H3'1" sing N N 78  
D35 CDX   "H3'2" sing N N 79  
DA  OP3   P      sing N N 80  
DA  OP3   HOP3   sing N N 81  
DA  P     OP1    doub N N 82  
DA  P     OP2    sing N N 83  
DA  P     "O5'"  sing N N 84  
DA  OP2   HOP2   sing N N 85  
DA  "O5'" "C5'"  sing N N 86  
DA  "C5'" "C4'"  sing N N 87  
DA  "C5'" "H5'"  sing N N 88  
DA  "C5'" "H5''" sing N N 89  
DA  "C4'" "O4'"  sing N N 90  
DA  "C4'" "C3'"  sing N N 91  
DA  "C4'" "H4'"  sing N N 92  
DA  "O4'" "C1'"  sing N N 93  
DA  "C3'" "O3'"  sing N N 94  
DA  "C3'" "C2'"  sing N N 95  
DA  "C3'" "H3'"  sing N N 96  
DA  "O3'" "HO3'" sing N N 97  
DA  "C2'" "C1'"  sing N N 98  
DA  "C2'" "H2'"  sing N N 99  
DA  "C2'" "H2''" sing N N 100 
DA  "C1'" N9     sing N N 101 
DA  "C1'" "H1'"  sing N N 102 
DA  N9    C8     sing Y N 103 
DA  N9    C4     sing Y N 104 
DA  C8    N7     doub Y N 105 
DA  C8    H8     sing N N 106 
DA  N7    C5     sing Y N 107 
DA  C5    C6     sing Y N 108 
DA  C5    C4     doub Y N 109 
DA  C6    N6     sing N N 110 
DA  C6    N1     doub Y N 111 
DA  N6    H61    sing N N 112 
DA  N6    H62    sing N N 113 
DA  N1    C2     sing Y N 114 
DA  C2    N3     doub Y N 115 
DA  C2    H2     sing N N 116 
DA  N3    C4     sing Y N 117 
DC  OP3   P      sing N N 118 
DC  OP3   HOP3   sing N N 119 
DC  P     OP1    doub N N 120 
DC  P     OP2    sing N N 121 
DC  P     "O5'"  sing N N 122 
DC  OP2   HOP2   sing N N 123 
DC  "O5'" "C5'"  sing N N 124 
DC  "C5'" "C4'"  sing N N 125 
DC  "C5'" "H5'"  sing N N 126 
DC  "C5'" "H5''" sing N N 127 
DC  "C4'" "O4'"  sing N N 128 
DC  "C4'" "C3'"  sing N N 129 
DC  "C4'" "H4'"  sing N N 130 
DC  "O4'" "C1'"  sing N N 131 
DC  "C3'" "O3'"  sing N N 132 
DC  "C3'" "C2'"  sing N N 133 
DC  "C3'" "H3'"  sing N N 134 
DC  "O3'" "HO3'" sing N N 135 
DC  "C2'" "C1'"  sing N N 136 
DC  "C2'" "H2'"  sing N N 137 
DC  "C2'" "H2''" sing N N 138 
DC  "C1'" N1     sing N N 139 
DC  "C1'" "H1'"  sing N N 140 
DC  N1    C2     sing N N 141 
DC  N1    C6     sing N N 142 
DC  C2    O2     doub N N 143 
DC  C2    N3     sing N N 144 
DC  N3    C4     doub N N 145 
DC  C4    N4     sing N N 146 
DC  C4    C5     sing N N 147 
DC  N4    H41    sing N N 148 
DC  N4    H42    sing N N 149 
DC  C5    C6     doub N N 150 
DC  C5    H5     sing N N 151 
DC  C6    H6     sing N N 152 
DG  OP3   P      sing N N 153 
DG  OP3   HOP3   sing N N 154 
DG  P     OP1    doub N N 155 
DG  P     OP2    sing N N 156 
DG  P     "O5'"  sing N N 157 
DG  OP2   HOP2   sing N N 158 
DG  "O5'" "C5'"  sing N N 159 
DG  "C5'" "C4'"  sing N N 160 
DG  "C5'" "H5'"  sing N N 161 
DG  "C5'" "H5''" sing N N 162 
DG  "C4'" "O4'"  sing N N 163 
DG  "C4'" "C3'"  sing N N 164 
DG  "C4'" "H4'"  sing N N 165 
DG  "O4'" "C1'"  sing N N 166 
DG  "C3'" "O3'"  sing N N 167 
DG  "C3'" "C2'"  sing N N 168 
DG  "C3'" "H3'"  sing N N 169 
DG  "O3'" "HO3'" sing N N 170 
DG  "C2'" "C1'"  sing N N 171 
DG  "C2'" "H2'"  sing N N 172 
DG  "C2'" "H2''" sing N N 173 
DG  "C1'" N9     sing N N 174 
DG  "C1'" "H1'"  sing N N 175 
DG  N9    C8     sing Y N 176 
DG  N9    C4     sing Y N 177 
DG  C8    N7     doub Y N 178 
DG  C8    H8     sing N N 179 
DG  N7    C5     sing Y N 180 
DG  C5    C6     sing N N 181 
DG  C5    C4     doub Y N 182 
DG  C6    O6     doub N N 183 
DG  C6    N1     sing N N 184 
DG  N1    C2     sing N N 185 
DG  N1    H1     sing N N 186 
DG  C2    N2     sing N N 187 
DG  C2    N3     doub N N 188 
DG  N2    H21    sing N N 189 
DG  N2    H22    sing N N 190 
DG  N3    C4     sing N N 191 
DT  OP3   P      sing N N 192 
DT  OP3   HOP3   sing N N 193 
DT  P     OP1    doub N N 194 
DT  P     OP2    sing N N 195 
DT  P     "O5'"  sing N N 196 
DT  OP2   HOP2   sing N N 197 
DT  "O5'" "C5'"  sing N N 198 
DT  "C5'" "C4'"  sing N N 199 
DT  "C5'" "H5'"  sing N N 200 
DT  "C5'" "H5''" sing N N 201 
DT  "C4'" "O4'"  sing N N 202 
DT  "C4'" "C3'"  sing N N 203 
DT  "C4'" "H4'"  sing N N 204 
DT  "O4'" "C1'"  sing N N 205 
DT  "C3'" "O3'"  sing N N 206 
DT  "C3'" "C2'"  sing N N 207 
DT  "C3'" "H3'"  sing N N 208 
DT  "O3'" "HO3'" sing N N 209 
DT  "C2'" "C1'"  sing N N 210 
DT  "C2'" "H2'"  sing N N 211 
DT  "C2'" "H2''" sing N N 212 
DT  "C1'" N1     sing N N 213 
DT  "C1'" "H1'"  sing N N 214 
DT  N1    C2     sing N N 215 
DT  N1    C6     sing N N 216 
DT  C2    O2     doub N N 217 
DT  C2    N3     sing N N 218 
DT  N3    C4     sing N N 219 
DT  N3    H3     sing N N 220 
DT  C4    O4     doub N N 221 
DT  C4    C5     sing N N 222 
DT  C5    C7     sing N N 223 
DT  C5    C6     doub N N 224 
DT  C7    H71    sing N N 225 
DT  C7    H72    sing N N 226 
DT  C7    H73    sing N N 227 
DT  C6    H6     sing N N 228 
HOH O     H1     sing N N 229 
HOH O     H2     sing N N 230 
# 
_ndb_struct_conf_na.entry_id   1FMS 
_ndb_struct_conf_na.feature    'b-form double helix' 
# 
loop_
_ndb_struct_na_base_pair.model_number 
_ndb_struct_na_base_pair.i_label_asym_id 
_ndb_struct_na_base_pair.i_label_comp_id 
_ndb_struct_na_base_pair.i_label_seq_id 
_ndb_struct_na_base_pair.i_symmetry 
_ndb_struct_na_base_pair.j_label_asym_id 
_ndb_struct_na_base_pair.j_label_comp_id 
_ndb_struct_na_base_pair.j_label_seq_id 
_ndb_struct_na_base_pair.j_symmetry 
_ndb_struct_na_base_pair.shear 
_ndb_struct_na_base_pair.stretch 
_ndb_struct_na_base_pair.stagger 
_ndb_struct_na_base_pair.buckle 
_ndb_struct_na_base_pair.propeller 
_ndb_struct_na_base_pair.opening 
_ndb_struct_na_base_pair.pair_number 
_ndb_struct_na_base_pair.pair_name 
_ndb_struct_na_base_pair.i_auth_asym_id 
_ndb_struct_na_base_pair.i_auth_seq_id 
_ndb_struct_na_base_pair.i_PDB_ins_code 
_ndb_struct_na_base_pair.j_auth_asym_id 
_ndb_struct_na_base_pair.j_auth_seq_id 
_ndb_struct_na_base_pair.j_PDB_ins_code 
_ndb_struct_na_base_pair.hbond_type_28 
_ndb_struct_na_base_pair.hbond_type_12 
1 A DC 1  1_555 B DG 12 1_555 0.117  -0.265 0.429  3.674  -15.908 -4.169 1  A_DC1:DG24_B  A 1  ? B 24 ? 19 1 
1 A DG 2  1_555 B DC 11 1_555 -0.299 -0.263 0.432  8.507  -13.841 -2.363 2  A_DG2:DC23_B  A 2  ? B 23 ? 19 1 
1 A DC 3  1_555 B DG 10 1_555 0.327  -0.179 0.059  -2.423 -5.492  -0.811 3  A_DC3:DG22_B  A 3  ? B 22 ? 19 1 
1 A DG 4  1_555 B DC 9  1_555 -0.422 -0.107 -0.085 12.344 -10.092 -1.951 4  A_DG4:DC21_B  A 4  ? B 21 ? 19 1 
1 A DA 5  1_555 B DT 8  1_555 0.097  -0.094 -0.025 8.090  -14.879 2.520  5  A_DA5:DT20_B  A 5  ? B 20 ? 20 1 
1 A DA 6  1_555 B DT 7  1_555 0.158  -0.129 -0.064 3.328  -13.208 3.883  6  A_DA6:DT19_B  A 6  ? B 19 ? 20 1 
1 A DT 7  1_555 B DA 6  1_555 0.033  -0.131 0.106  -2.435 -13.340 2.463  7  A_DT7:DA18_B  A 7  ? B 18 ? 20 1 
1 A DT 8  1_555 B DA 5  1_555 -0.201 -0.073 -0.096 -2.318 -10.330 4.107  8  A_DT8:DA17_B  A 8  ? B 17 ? 20 1 
1 A DC 9  1_555 B DG 4  1_555 0.266  -0.100 -0.354 -8.377 -13.723 0.005  9  A_DC9:DG16_B  A 9  ? B 16 ? 19 1 
1 A DG 10 1_555 B DC 3  1_555 -0.044 -0.229 0.095  4.921  -7.334  2.033  10 A_DG10:DC15_B A 10 ? B 15 ? 19 1 
1 A DC 11 1_555 B DG 2  1_555 0.110  -0.264 0.232  1.789  -14.210 -3.527 11 A_DC11:DG14_B A 11 ? B 14 ? 19 1 
1 A DG 12 1_555 B DC 1  1_555 -0.188 -0.184 -0.077 2.217  -5.743  -5.763 12 A_DG12:DC13_B A 12 ? B 13 ? 19 1 
# 
loop_
_ndb_struct_na_base_pair_step.model_number 
_ndb_struct_na_base_pair_step.i_label_asym_id_1 
_ndb_struct_na_base_pair_step.i_label_comp_id_1 
_ndb_struct_na_base_pair_step.i_label_seq_id_1 
_ndb_struct_na_base_pair_step.i_symmetry_1 
_ndb_struct_na_base_pair_step.j_label_asym_id_1 
_ndb_struct_na_base_pair_step.j_label_comp_id_1 
_ndb_struct_na_base_pair_step.j_label_seq_id_1 
_ndb_struct_na_base_pair_step.j_symmetry_1 
_ndb_struct_na_base_pair_step.i_label_asym_id_2 
_ndb_struct_na_base_pair_step.i_label_comp_id_2 
_ndb_struct_na_base_pair_step.i_label_seq_id_2 
_ndb_struct_na_base_pair_step.i_symmetry_2 
_ndb_struct_na_base_pair_step.j_label_asym_id_2 
_ndb_struct_na_base_pair_step.j_label_comp_id_2 
_ndb_struct_na_base_pair_step.j_label_seq_id_2 
_ndb_struct_na_base_pair_step.j_symmetry_2 
_ndb_struct_na_base_pair_step.shift 
_ndb_struct_na_base_pair_step.slide 
_ndb_struct_na_base_pair_step.rise 
_ndb_struct_na_base_pair_step.tilt 
_ndb_struct_na_base_pair_step.roll 
_ndb_struct_na_base_pair_step.twist 
_ndb_struct_na_base_pair_step.x_displacement 
_ndb_struct_na_base_pair_step.y_displacement 
_ndb_struct_na_base_pair_step.helical_rise 
_ndb_struct_na_base_pair_step.inclination 
_ndb_struct_na_base_pair_step.tip 
_ndb_struct_na_base_pair_step.helical_twist 
_ndb_struct_na_base_pair_step.step_number 
_ndb_struct_na_base_pair_step.step_name 
_ndb_struct_na_base_pair_step.i_auth_asym_id_1 
_ndb_struct_na_base_pair_step.i_auth_seq_id_1 
_ndb_struct_na_base_pair_step.i_PDB_ins_code_1 
_ndb_struct_na_base_pair_step.j_auth_asym_id_1 
_ndb_struct_na_base_pair_step.j_auth_seq_id_1 
_ndb_struct_na_base_pair_step.j_PDB_ins_code_1 
_ndb_struct_na_base_pair_step.i_auth_asym_id_2 
_ndb_struct_na_base_pair_step.i_auth_seq_id_2 
_ndb_struct_na_base_pair_step.i_PDB_ins_code_2 
_ndb_struct_na_base_pair_step.j_auth_asym_id_2 
_ndb_struct_na_base_pair_step.j_auth_seq_id_2 
_ndb_struct_na_base_pair_step.j_PDB_ins_code_2 
1 A DC 1  1_555 B DG 12 1_555 A DG 2  1_555 B DC 11 1_555 0.042  -0.039 3.168 -0.380 4.613   34.982 -0.726 -0.124 3.137 7.633   
0.628  35.277 1  AA_DC1DG2:DC23DG24_BB   A 1  ? B 24 ? A 2  ? B 23 ? 
1 A DG 2  1_555 B DC 11 1_555 A DC 3  1_555 B DG 10 1_555 0.715  0.596  3.583 4.783  -8.009  43.755 1.584  -0.463 3.482 -10.604 
-6.333 44.690 2  AA_DG2DC3:DG22DC23_BB   A 2  ? B 23 ? A 3  ? B 22 ? 
1 A DC 3  1_555 B DG 10 1_555 A DG 4  1_555 B DC 9  1_555 -0.419 0.594  3.024 2.032  12.383  25.555 -1.531 1.303  2.949 26.083  
-4.280 28.424 3  AA_DC3DG4:DC21DG22_BB   A 3  ? B 22 ? A 4  ? B 21 ? 
1 A DG 4  1_555 B DC 9  1_555 A DA 5  1_555 B DT 8  1_555 0.098  0.076  3.348 -0.460 1.477   37.594 -0.079 -0.213 3.347 2.290   
0.713  37.625 4  AA_DG4DA5:DT20DC21_BB   A 4  ? B 21 ? A 5  ? B 20 ? 
1 A DA 5  1_555 B DT 8  1_555 A DA 6  1_555 B DT 7  1_555 0.101  -0.391 3.338 1.077  3.929   35.393 -1.218 -0.006 3.279 6.436   
-1.764 35.619 5  AA_DA5DA6:DT19DT20_BB   A 5  ? B 20 ? A 6  ? B 19 ? 
1 A DA 6  1_555 B DT 7  1_555 A DT 7  1_555 B DA 6  1_555 -0.020 -0.705 3.321 0.018  0.369   32.991 -1.305 0.039  3.313 0.650   
-0.032 32.993 6  AA_DA6DT7:DA18DT19_BB   A 6  ? B 19 ? A 7  ? B 18 ? 
1 A DT 7  1_555 B DA 6  1_555 A DT 8  1_555 B DA 5  1_555 -0.059 -0.354 3.220 1.494  -0.591  32.686 -0.528 0.359  3.220 -1.050  
-2.653 32.725 7  AA_DT7DT8:DA17DA18_BB   A 7  ? B 18 ? A 8  ? B 17 ? 
1 A DT 8  1_555 B DA 5  1_555 A DC 9  1_555 B DG 4  1_555 -0.070 0.037  3.362 4.387  0.363   42.049 0.014  0.558  3.339 0.504   
-6.093 42.268 8  AA_DT8DC9:DG16DA17_BB   A 8  ? B 17 ? A 9  ? B 16 ? 
1 A DC 9  1_555 B DG 4  1_555 A DG 10 1_555 B DC 3  1_555 0.537  1.044  3.111 -5.522 7.911   27.374 0.373  -2.268 3.120 16.096  
11.235 28.994 9  AA_DC9DG10:DC15DG16_BB  A 9  ? B 16 ? A 10 ? B 15 ? 
1 A DG 10 1_555 B DC 3  1_555 A DC 11 1_555 B DG 2  1_555 -1.118 0.722  3.421 -5.167 -11.246 41.962 2.093  0.987  3.242 -15.308 
7.033  43.670 10 AA_DG10DC11:DG14DC15_BB A 10 ? B 15 ? A 11 ? B 14 ? 
1 A DC 11 1_555 B DG 2  1_555 A DG 12 1_555 B DC 1  1_555 -0.080 0.499  3.401 2.033  3.602   36.334 0.277  0.420  3.424 5.754   
-3.247 36.561 11 AA_DC11DG12:DC13DG14_BB A 11 ? B 14 ? A 12 ? B 13 ? 
# 
_atom_sites.entry_id                    1FMS 
_atom_sites.fract_transf_matrix[1][1]   -0.02990894 
_atom_sites.fract_transf_matrix[1][2]   -0.01873716 
_atom_sites.fract_transf_matrix[1][3]   0.01685825 
_atom_sites.fract_transf_matrix[2][1]   -0.00962393 
_atom_sites.fract_transf_matrix[2][2]   -0.00479729 
_atom_sites.fract_transf_matrix[2][3]   -0.02240619 
_atom_sites.fract_transf_matrix[3][1]   0.00785609 
_atom_sites.fract_transf_matrix[3][2]   -0.01306029 
_atom_sites.fract_transf_matrix[3][3]   -0.00057808 
_atom_sites.fract_transf_vector[1]      0.330075 
_atom_sites.fract_transf_vector[2]      0.580541 
_atom_sites.fract_transf_vector[3]      0.124197 
# 
loop_
_atom_type.symbol 
C  
MG 
N  
O  
P  
# 
loop_
_atom_site.group_PDB 
_atom_site.id 
_atom_site.type_symbol 
_atom_site.label_atom_id 
_atom_site.label_alt_id 
_atom_site.label_comp_id 
_atom_site.label_asym_id 
_atom_site.label_entity_id 
_atom_site.label_seq_id 
_atom_site.pdbx_PDB_ins_code 
_atom_site.Cartn_x 
_atom_site.Cartn_y 
_atom_site.Cartn_z 
_atom_site.occupancy 
_atom_site.B_iso_or_equiv 
_atom_site.pdbx_formal_charge 
_atom_site.auth_seq_id 
_atom_site.auth_comp_id 
_atom_site.auth_asym_id 
_atom_site.auth_atom_id 
_atom_site.pdbx_PDB_model_num 
ATOM   1   O  "O5'" . DC  A 1 1  ? -5.755  -21.107 -5.487  1.00 26.47 ? 1   DC  A "O5'" 1 
ATOM   2   C  "C5'" . DC  A 1 1  ? -4.479  -21.092 -4.848  1.00 28.89 ? 1   DC  A "C5'" 1 
ATOM   3   C  "C4'" . DC  A 1 1  ? -4.638  -21.166 -3.348  1.00 21.99 ? 1   DC  A "C4'" 1 
ATOM   4   O  "O4'" . DC  A 1 1  ? -3.333  -21.020 -2.730  1.00 25.94 ? 1   DC  A "O4'" 1 
ATOM   5   C  "C3'" . DC  A 1 1  ? -5.531  -20.093 -2.743  1.00 27.50 ? 1   DC  A "C3'" 1 
ATOM   6   O  "O3'" . DC  A 1 1  ? -6.419  -20.636 -1.776  1.00 29.14 ? 1   DC  A "O3'" 1 
ATOM   7   C  "C2'" . DC  A 1 1  ? -4.551  -19.115 -2.131  1.00 29.56 ? 1   DC  A "C2'" 1 
ATOM   8   C  "C1'" . DC  A 1 1  ? -3.406  -20.026 -1.713  1.00 26.73 ? 1   DC  A "C1'" 1 
ATOM   9   N  N1    . DC  A 1 1  ? -1.992  -19.541 -1.679  1.00 24.09 ? 1   DC  A N1    1 
ATOM   10  C  C2    . DC  A 1 1  ? -1.289  -19.882 -0.518  1.00 23.64 ? 1   DC  A C2    1 
ATOM   11  O  O2    . DC  A 1 1  ? -1.876  -20.539 0.357   1.00 23.26 ? 1   DC  A O2    1 
ATOM   12  N  N3    . DC  A 1 1  ? -0.005  -19.487 -0.391  1.00 21.43 ? 1   DC  A N3    1 
ATOM   13  C  C4    . DC  A 1 1  ? 0.583   -18.784 -1.357  1.00 16.34 ? 1   DC  A C4    1 
ATOM   14  N  N4    . DC  A 1 1  ? 1.855   -18.393 -1.233  1.00 16.33 ? 1   DC  A N4    1 
ATOM   15  C  C5    . DC  A 1 1  ? -0.114  -18.423 -2.547  1.00 22.56 ? 1   DC  A C5    1 
ATOM   16  C  C6    . DC  A 1 1  ? -1.379  -18.814 -2.665  1.00 18.00 ? 1   DC  A C6    1 
ATOM   17  P  P     . DG  A 1 2  ? -7.550  -19.771 -1.035  1.00 35.60 ? 2   DG  A P     1 
ATOM   18  O  OP1   . DG  A 1 2  ? -8.723  -20.642 -0.749  1.00 54.24 ? 2   DG  A OP1   1 
ATOM   19  O  OP2   . DG  A 1 2  ? -7.747  -18.487 -1.772  1.00 30.50 ? 2   DG  A OP2   1 
ATOM   20  O  "O5'" . DG  A 1 2  ? -6.883  -19.399 0.368   1.00 36.22 ? 2   DG  A "O5'" 1 
ATOM   21  C  "C5'" . DG  A 1 2  ? -6.534  -20.449 1.275   1.00 32.84 ? 2   DG  A "C5'" 1 
ATOM   22  C  "C4'" . DG  A 1 2  ? -6.070  -19.820 2.569   1.00 22.93 ? 2   DG  A "C4'" 1 
ATOM   23  O  "O4'" . DG  A 1 2  ? -4.729  -19.312 2.402   1.00 21.72 ? 2   DG  A "O4'" 1 
ATOM   24  C  "C3'" . DG  A 1 2  ? -6.915  -18.641 3.050   1.00 30.21 ? 2   DG  A "C3'" 1 
ATOM   25  O  "O3'" . DG  A 1 2  ? -7.155  -18.741 4.446   1.00 33.14 ? 2   DG  A "O3'" 1 
ATOM   26  C  "C2'" . DG  A 1 2  ? -6.093  -17.431 2.680   1.00 24.52 ? 2   DG  A "C2'" 1 
ATOM   27  C  "C1'" . DG  A 1 2  ? -4.672  -17.949 2.839   1.00 20.92 ? 2   DG  A "C1'" 1 
ATOM   28  N  N9    . DG  A 1 2  ? -3.601  -17.407 2.010   1.00 23.02 ? 2   DG  A N9    1 
ATOM   29  C  C8    . DG  A 1 2  ? -3.636  -16.853 0.754   1.00 25.72 ? 2   DG  A C8    1 
ATOM   30  N  N7    . DG  A 1 2  ? -2.464  -16.475 0.329   1.00 21.50 ? 2   DG  A N7    1 
ATOM   31  C  C5    . DG  A 1 2  ? -1.596  -16.800 1.371   1.00 17.61 ? 2   DG  A C5    1 
ATOM   32  C  C6    . DG  A 1 2  ? -0.195  -16.628 1.490   1.00 18.81 ? 2   DG  A C6    1 
ATOM   33  O  O6    . DG  A 1 2  ? 0.603   -16.138 0.680   1.00 26.92 ? 2   DG  A O6    1 
ATOM   34  N  N1    . DG  A 1 2  ? 0.291   -17.096 2.714   1.00 22.44 ? 2   DG  A N1    1 
ATOM   35  C  C2    . DG  A 1 2  ? -0.494  -17.658 3.691   1.00 23.79 ? 2   DG  A C2    1 
ATOM   36  N  N2    . DG  A 1 2  ? 0.145   -18.054 4.808   1.00 23.04 ? 2   DG  A N2    1 
ATOM   37  N  N3    . DG  A 1 2  ? -1.800  -17.825 3.592   1.00 26.37 ? 2   DG  A N3    1 
ATOM   38  C  C4    . DG  A 1 2  ? -2.283  -17.375 2.414   1.00 21.82 ? 2   DG  A C4    1 
ATOM   39  P  P     . DC  A 1 3  ? -8.182  -17.819 5.262   1.00 33.72 ? 3   DC  A P     1 
ATOM   40  O  OP1   . DC  A 1 3  ? -9.153  -18.699 5.979   1.00 31.22 ? 3   DC  A OP1   1 
ATOM   41  O  OP2   . DC  A 1 3  ? -8.698  -16.720 4.412   1.00 43.67 ? 3   DC  A OP2   1 
ATOM   42  O  "O5'" . DC  A 1 3  ? -7.240  -17.147 6.370   1.00 36.84 ? 3   DC  A "O5'" 1 
ATOM   43  C  "C5'" . DC  A 1 3  ? -6.329  -18.001 7.076   1.00 35.19 ? 3   DC  A "C5'" 1 
ATOM   44  C  "C4'" . DC  A 1 3  ? -5.111  -17.226 7.495   1.00 25.42 ? 3   DC  A "C4'" 1 
ATOM   45  O  "O4'" . DC  A 1 3  ? -4.287  -16.919 6.342   1.00 27.49 ? 3   DC  A "O4'" 1 
ATOM   46  C  "C3'" . DC  A 1 3  ? -5.373  -15.858 8.115   1.00 23.57 ? 3   DC  A "C3'" 1 
ATOM   47  O  "O3'" . DC  A 1 3  ? -5.653  -15.948 9.508   1.00 42.14 ? 3   DC  A "O3'" 1 
ATOM   48  C  "C2'" . DC  A 1 3  ? -4.096  -15.099 7.853   1.00 27.28 ? 3   DC  A "C2'" 1 
ATOM   49  C  "C1'" . DC  A 1 3  ? -3.487  -15.783 6.646   1.00 31.46 ? 3   DC  A "C1'" 1 
ATOM   50  N  N1    . DC  A 1 3  ? -3.489  -15.110 5.305   1.00 24.53 ? 3   DC  A N1    1 
ATOM   51  C  C2    . DC  A 1 3  ? -2.183  -14.787 4.901   1.00 24.93 ? 3   DC  A C2    1 
ATOM   52  O  O2    . DC  A 1 3  ? -1.269  -15.088 5.668   1.00 25.21 ? 3   DC  A O2    1 
ATOM   53  N  N3    . DC  A 1 3  ? -1.978  -14.174 3.718   1.00 31.84 ? 3   DC  A N3    1 
ATOM   54  C  C4    . DC  A 1 3  ? -3.024  -13.883 2.942   1.00 32.37 ? 3   DC  A C4    1 
ATOM   55  N  N4    . DC  A 1 3  ? -2.761  -13.276 1.781   1.00 28.18 ? 3   DC  A N4    1 
ATOM   56  C  C5    . DC  A 1 3  ? -4.359  -14.196 3.325   1.00 31.56 ? 3   DC  A C5    1 
ATOM   57  C  C6    . DC  A 1 3  ? -4.545  -14.806 4.507   1.00 28.92 ? 3   DC  A C6    1 
ATOM   58  P  P     . DG  A 1 4  ? -6.134  -14.592 10.258  1.00 40.61 ? 4   DG  A P     1 
ATOM   59  O  OP1   . DG  A 1 4  ? -6.937  -14.993 11.437  1.00 42.12 ? 4   DG  A OP1   1 
ATOM   60  O  OP2   . DG  A 1 4  ? -6.741  -13.633 9.300   1.00 40.56 ? 4   DG  A OP2   1 
ATOM   61  O  "O5'" . DG  A 1 4  ? -4.746  -13.970 10.704  1.00 29.84 ? 4   DG  A "O5'" 1 
ATOM   62  C  "C5'" . DG  A 1 4  ? -3.680  -14.747 11.242  1.00 34.87 ? 4   DG  A "C5'" 1 
ATOM   63  C  "C4'" . DG  A 1 4  ? -2.459  -13.877 11.424  1.00 34.66 ? 4   DG  A "C4'" 1 
ATOM   64  O  "O4'" . DG  A 1 4  ? -1.914  -13.506 10.136  1.00 31.05 ? 4   DG  A "O4'" 1 
ATOM   65  C  "C3'" . DG  A 1 4  ? -2.713  -12.559 12.150  1.00 34.08 ? 4   DG  A "C3'" 1 
ATOM   66  O  "O3'" . DG  A 1 4  ? -1.624  -12.232 13.000  1.00 45.97 ? 4   DG  A "O3'" 1 
ATOM   67  C  "C2'" . DG  A 1 4  ? -2.885  -11.561 11.035  1.00 29.25 ? 4   DG  A "C2'" 1 
ATOM   68  C  "C1'" . DG  A 1 4  ? -1.934  -12.097 9.972   1.00 31.66 ? 4   DG  A "C1'" 1 
ATOM   69  N  N9    . DG  A 1 4  ? -2.339  -11.856 8.586   1.00 28.38 ? 4   DG  A N9    1 
ATOM   70  C  C8    . DG  A 1 4  ? -3.614  -11.842 8.070   1.00 22.01 ? 4   DG  A C8    1 
ATOM   71  N  N7    . DG  A 1 4  ? -3.648  -11.597 6.792   1.00 21.75 ? 4   DG  A N7    1 
ATOM   72  C  C5    . DG  A 1 4  ? -2.326  -11.439 6.436   1.00 19.34 ? 4   DG  A C5    1 
ATOM   73  C  C6    . DG  A 1 4  ? -1.764  -11.156 5.166   1.00 20.12 ? 4   DG  A C6    1 
ATOM   74  O  O6    . DG  A 1 4  ? -2.358  -10.989 4.097   1.00 31.54 ? 4   DG  A O6    1 
ATOM   75  N  N1    . DG  A 1 4  ? -0.383  -11.078 5.245   1.00 21.95 ? 4   DG  A N1    1 
ATOM   76  C  C2    . DG  A 1 4  ? 0.356   -11.249 6.387   1.00 20.74 ? 4   DG  A C2    1 
ATOM   77  N  N2    . DG  A 1 4  ? 1.680   -11.134 6.248   1.00 25.82 ? 4   DG  A N2    1 
ATOM   78  N  N3    . DG  A 1 4  ? -0.163  -11.515 7.577   1.00 19.93 ? 4   DG  A N3    1 
ATOM   79  C  C4    . DG  A 1 4  ? -1.502  -11.595 7.532   1.00 21.43 ? 4   DG  A C4    1 
ATOM   80  P  P     . DA  A 1 5  ? -1.560  -10.801 13.737  1.00 45.71 ? 5   DA  A P     1 
ATOM   81  O  OP1   . DA  A 1 5  ? -1.097  -10.966 15.140  1.00 46.31 ? 5   DA  A OP1   1 
ATOM   82  O  OP2   . DA  A 1 5  ? -2.848  -10.087 13.470  1.00 54.05 ? 5   DA  A OP2   1 
ATOM   83  O  "O5'" . DA  A 1 5  ? -0.429  -10.028 12.933  1.00 26.85 ? 5   DA  A "O5'" 1 
ATOM   84  C  "C5'" . DA  A 1 5  ? 0.924   -10.479 12.889  1.00 36.84 ? 5   DA  A "C5'" 1 
ATOM   85  C  "C4'" . DA  A 1 5  ? 1.675   -9.622  11.898  1.00 36.90 ? 5   DA  A "C4'" 1 
ATOM   86  O  "O4'" . DA  A 1 5  ? 0.986   -9.609  10.627  1.00 34.13 ? 5   DA  A "O4'" 1 
ATOM   87  C  "C3'" . DA  A 1 5  ? 1.827   -8.160  12.332  1.00 32.49 ? 5   DA  A "C3'" 1 
ATOM   88  O  "O3'" . DA  A 1 5  ? 3.206   -7.821  12.334  1.00 26.97 ? 5   DA  A "O3'" 1 
ATOM   89  C  "C2'" . DA  A 1 5  ? 1.012   -7.380  11.333  1.00 30.67 ? 5   DA  A "C2'" 1 
ATOM   90  C  "C1'" . DA  A 1 5  ? 0.964   -8.278  10.115  1.00 31.97 ? 5   DA  A "C1'" 1 
ATOM   91  N  N9    . DA  A 1 5  ? -0.238  -8.288  9.391   1.00 29.21 ? 5   DA  A N9    1 
ATOM   92  C  C8    . DA  A 1 5  ? -1.542  -8.479  9.788   1.00 32.36 ? 5   DA  A C8    1 
ATOM   93  N  N7    . DA  A 1 5  ? -2.410  -8.415  8.805   1.00 27.62 ? 5   DA  A N7    1 
ATOM   94  C  C5    . DA  A 1 5  ? -1.625  -8.164  7.686   1.00 29.16 ? 5   DA  A C5    1 
ATOM   95  C  C6    . DA  A 1 5  ? -1.941  -7.989  6.326   1.00 32.60 ? 5   DA  A C6    1 
ATOM   96  N  N6    . DA  A 1 5  ? -3.175  -8.034  5.815   1.00 22.82 ? 5   DA  A N6    1 
ATOM   97  N  N1    . DA  A 1 5  ? -0.920  -7.758  5.476   1.00 25.69 ? 5   DA  A N1    1 
ATOM   98  C  C2    . DA  A 1 5  ? 0.322   -7.706  5.956   1.00 25.21 ? 5   DA  A C2    1 
ATOM   99  N  N3    . DA  A 1 5  ? 0.749   -7.856  7.208   1.00 25.78 ? 5   DA  A N3    1 
ATOM   100 C  C4    . DA  A 1 5  ? -0.289  -8.085  8.031   1.00 26.56 ? 5   DA  A C4    1 
ATOM   101 P  P     . DA  A 1 6  ? 3.707   -6.329  12.721  1.00 27.96 ? 6   DA  A P     1 
ATOM   102 O  OP1   . DA  A 1 6  ? 5.167   -6.432  13.002  1.00 23.05 ? 6   DA  A OP1   1 
ATOM   103 O  OP2   . DA  A 1 6  ? 2.700   -5.782  13.657  1.00 23.10 ? 6   DA  A OP2   1 
ATOM   104 O  "O5'" . DA  A 1 6  ? 3.571   -5.498  11.353  1.00 25.59 ? 6   DA  A "O5'" 1 
ATOM   105 C  "C5'" . DA  A 1 6  ? 4.311   -5.924  10.213  1.00 21.72 ? 6   DA  A "C5'" 1 
ATOM   106 C  "C4'" . DA  A 1 6  ? 4.144   -4.952  9.077   1.00 23.39 ? 6   DA  A "C4'" 1 
ATOM   107 O  "O4'" . DA  A 1 6  ? 2.865   -5.139  8.429   1.00 23.18 ? 6   DA  A "O4'" 1 
ATOM   108 C  "C3'" . DA  A 1 6  ? 4.199   -3.480  9.511   1.00 20.43 ? 6   DA  A "C3'" 1 
ATOM   109 O  "O3'" . DA  A 1 6  ? 5.234   -2.863  8.774   1.00 23.67 ? 6   DA  A "O3'" 1 
ATOM   110 C  "C2'" . DA  A 1 6  ? 2.822   -2.938  9.231   1.00 21.09 ? 6   DA  A "C2'" 1 
ATOM   111 C  "C1'" . DA  A 1 6  ? 2.262   -3.876  8.179   1.00 17.76 ? 6   DA  A "C1'" 1 
ATOM   112 N  N9    . DA  A 1 6  ? 0.904   -4.199  8.298   1.00 18.10 ? 6   DA  A N9    1 
ATOM   113 C  C8    . DA  A 1 6  ? 0.095   -4.526  9.359   1.00 18.61 ? 6   DA  A C8    1 
ATOM   114 N  N7    . DA  A 1 6  ? -1.150  -4.763  9.027   1.00 18.57 ? 6   DA  A N7    1 
ATOM   115 C  C5    . DA  A 1 6  ? -1.175  -4.584  7.648   1.00 20.58 ? 6   DA  A C5    1 
ATOM   116 C  C6    . DA  A 1 6  ? -2.212  -4.693  6.697   1.00 18.55 ? 6   DA  A C6    1 
ATOM   117 N  N6    . DA  A 1 6  ? -3.472  -5.018  6.988   1.00 25.99 ? 6   DA  A N6    1 
ATOM   118 N  N1    . DA  A 1 6  ? -1.890  -4.445  5.408   1.00 24.88 ? 6   DA  A N1    1 
ATOM   119 C  C2    . DA  A 1 6  ? -0.622  -4.118  5.110   1.00 23.79 ? 6   DA  A C2    1 
ATOM   120 N  N3    . DA  A 1 6  ? 0.435   -3.986  5.916   1.00 21.90 ? 6   DA  A N3    1 
ATOM   121 C  C4    . DA  A 1 6  ? 0.079   -4.238  7.188   1.00 21.14 ? 6   DA  A C4    1 
ATOM   122 P  P     . DT  A 1 7  ? 5.552   -1.309  8.752   1.00 26.51 ? 7   DT  A P     1 
ATOM   123 O  OP1   . DT  A 1 7  ? 6.991   -1.087  8.452   1.00 26.23 ? 7   DT  A OP1   1 
ATOM   124 O  OP2   . DT  A 1 7  ? 4.983   -0.658  9.973   1.00 29.70 ? 7   DT  A OP2   1 
ATOM   125 O  "O5'" . DT  A 1 7  ? 4.721   -0.746  7.498   1.00 28.75 ? 7   DT  A "O5'" 1 
ATOM   126 C  "C5'" . DT  A 1 7  ? 4.573   -1.527  6.308   1.00 26.31 ? 7   DT  A "C5'" 1 
ATOM   127 C  "C4'" . DT  A 1 7  ? 3.595   -0.867  5.359   1.00 20.75 ? 7   DT  A "C4'" 1 
ATOM   128 O  "O4'" . DT  A 1 7  ? 2.241   -1.207  5.728   1.00 23.48 ? 7   DT  A "O4'" 1 
ATOM   129 C  "C3'" . DT  A 1 7  ? 3.649   0.659   5.344   1.00 25.69 ? 7   DT  A "C3'" 1 
ATOM   130 O  "O3'" . DT  A 1 7  ? 4.039   1.112   4.053   1.00 29.26 ? 7   DT  A "O3'" 1 
ATOM   131 C  "C2'" . DT  A 1 7  ? 2.262   1.124   5.718   1.00 25.23 ? 7   DT  A "C2'" 1 
ATOM   132 C  "C1'" . DT  A 1 7  ? 1.404   -0.089  5.399   1.00 31.16 ? 7   DT  A "C1'" 1 
ATOM   133 N  N1    . DT  A 1 7  ? 0.305   -0.468  6.218   1.00 33.54 ? 7   DT  A N1    1 
ATOM   134 C  C2    . DT  A 1 7  ? -0.866  -0.664  5.517   1.00 26.96 ? 7   DT  A C2    1 
ATOM   135 O  O2    . DT  A 1 7  ? -0.895  -0.514  4.309   1.00 24.11 ? 7   DT  A O2    1 
ATOM   136 N  N3    . DT  A 1 7  ? -1.932  -1.026  6.290   1.00 24.25 ? 7   DT  A N3    1 
ATOM   137 C  C4    . DT  A 1 7  ? -1.952  -1.209  7.657   1.00 12.89 ? 7   DT  A C4    1 
ATOM   138 O  O4    . DT  A 1 7  ? -2.985  -1.536  8.223   1.00 15.62 ? 7   DT  A O4    1 
ATOM   139 C  C5    . DT  A 1 7  ? -0.687  -0.981  8.328   1.00 12.70 ? 7   DT  A C5    1 
ATOM   140 C  C7    . DT  A 1 7  ? -0.632  -1.161  9.812   1.00 26.95 ? 7   DT  A C7    1 
ATOM   141 C  C6    . DT  A 1 7  ? 0.356   -0.627  7.578   1.00 18.28 ? 7   DT  A C6    1 
ATOM   142 P  P     . DT  A 1 8  ? 4.182   2.679   3.678   1.00 29.71 ? 8   DT  A P     1 
ATOM   143 O  OP1   . DT  A 1 8  ? 5.230   2.737   2.615   1.00 22.71 ? 8   DT  A OP1   1 
ATOM   144 O  OP2   . DT  A 1 8  ? 4.400   3.513   4.884   1.00 23.93 ? 8   DT  A OP2   1 
ATOM   145 O  "O5'" . DT  A 1 8  ? 2.763   3.050   3.072   1.00 29.71 ? 8   DT  A "O5'" 1 
ATOM   146 C  "C5'" . DT  A 1 8  ? 2.284   2.370   1.911   1.00 33.77 ? 8   DT  A "C5'" 1 
ATOM   147 C  "C4'" . DT  A 1 8  ? 0.842   2.738   1.653   1.00 35.83 ? 8   DT  A "C4'" 1 
ATOM   148 O  "O4'" . DT  A 1 8  ? 0.019   2.340   2.778   1.00 27.45 ? 8   DT  A "O4'" 1 
ATOM   149 C  "C3'" . DT  A 1 8  ? 0.579   4.227   1.465   1.00 35.76 ? 8   DT  A "C3'" 1 
ATOM   150 O  "O3'" . DT  A 1 8  ? 0.210   4.485   0.110   1.00 32.07 ? 8   DT  A "O3'" 1 
ATOM   151 C  "C2'" . DT  A 1 8  ? -0.523  4.568   2.439   1.00 30.66 ? 8   DT  A "C2'" 1 
ATOM   152 C  "C1'" . DT  A 1 8  ? -1.116  3.212   2.791   1.00 27.62 ? 8   DT  A "C1'" 1 
ATOM   153 N  N1    . DT  A 1 8  ? -1.574  2.896   4.108   1.00 22.46 ? 8   DT  A N1    1 
ATOM   154 C  C2    . DT  A 1 8  ? -2.867  2.450   4.149   1.00 25.01 ? 8   DT  A C2    1 
ATOM   155 O  O2    . DT  A 1 8  ? -3.555  2.340   3.142   1.00 27.18 ? 8   DT  A O2    1 
ATOM   156 N  N3    . DT  A 1 8  ? -3.337  2.139   5.408   1.00 25.45 ? 8   DT  A N3    1 
ATOM   157 C  C4    . DT  A 1 8  ? -2.619  2.239   6.592   1.00 19.36 ? 8   DT  A C4    1 
ATOM   158 O  O4    . DT  A 1 8  ? -3.174  1.922   7.636   1.00 20.12 ? 8   DT  A O4    1 
ATOM   159 C  C5    . DT  A 1 8  ? -1.262  2.711   6.479   1.00 25.71 ? 8   DT  A C5    1 
ATOM   160 C  C7    . DT  A 1 8  ? -0.434  2.842   7.729   1.00 22.65 ? 8   DT  A C7    1 
ATOM   161 C  C6    . DT  A 1 8  ? -0.812  3.014   5.254   1.00 24.92 ? 8   DT  A C6    1 
ATOM   162 P  P     . DC  A 1 9  ? -0.225  5.974   -0.316  1.00 38.78 ? 9   DC  A P     1 
ATOM   163 O  OP1   . DC  A 1 9  ? 0.266   6.252   -1.705  1.00 42.20 ? 9   DC  A OP1   1 
ATOM   164 O  OP2   . DC  A 1 9  ? 0.106   6.956   0.743   1.00 28.33 ? 9   DC  A OP2   1 
ATOM   165 O  "O5'" . DC  A 1 9  ? -1.813  5.912   -0.402  1.00 41.79 ? 9   DC  A "O5'" 1 
ATOM   166 C  "C5'" . DC  A 1 9  ? -2.479  4.674   -0.654  1.00 44.17 ? 9   DC  A "C5'" 1 
ATOM   167 C  "C4'" . DC  A 1 9  ? -3.975  4.865   -0.518  1.00 43.95 ? 9   DC  A "C4'" 1 
ATOM   168 O  "O4'" . DC  A 1 9  ? -4.361  4.595   0.847   1.00 36.79 ? 9   DC  A "O4'" 1 
ATOM   169 C  "C3'" . DC  A 1 9  ? -4.468  6.268   -0.840  1.00 38.35 ? 9   DC  A "C3'" 1 
ATOM   170 O  "O3'" . DC  A 1 9  ? -5.402  6.231   -1.922  1.00 55.24 ? 9   DC  A "O3'" 1 
ATOM   171 C  "C2'" . DC  A 1 9  ? -5.118  6.783   0.413   1.00 31.39 ? 9   DC  A "C2'" 1 
ATOM   172 C  "C1'" . DC  A 1 9  ? -5.270  5.580   1.312   1.00 34.51 ? 9   DC  A "C1'" 1 
ATOM   173 N  N1    . DC  A 1 9  ? -4.832  5.604   2.750   1.00 24.52 ? 9   DC  A N1    1 
ATOM   174 C  C2    . DC  A 1 9  ? -5.750  5.056   3.641   1.00 33.85 ? 9   DC  A C2    1 
ATOM   175 O  O2    . DC  A 1 9  ? -6.816  4.606   3.198   1.00 27.41 ? 9   DC  A O2    1 
ATOM   176 N  N3    . DC  A 1 9  ? -5.463  5.022   4.971   1.00 27.61 ? 9   DC  A N3    1 
ATOM   177 C  C4    . DC  A 1 9  ? -4.295  5.527   5.383   1.00 20.98 ? 9   DC  A C4    1 
ATOM   178 N  N4    . DC  A 1 9  ? -4.046  5.477   6.697   1.00 26.13 ? 9   DC  A N4    1 
ATOM   179 C  C5    . DC  A 1 9  ? -3.345  6.090   4.496   1.00 22.18 ? 9   DC  A C5    1 
ATOM   180 C  C6    . DC  A 1 9  ? -3.642  6.113   3.194   1.00 26.68 ? 9   DC  A C6    1 
ATOM   181 P  P     . DG  A 1 10 ? -5.861  7.619   -2.609  1.00 60.67 ? 10  DG  A P     1 
ATOM   182 O  OP1   . DG  A 1 10 ? -6.271  7.328   -4.010  1.00 66.58 ? 10  DG  A OP1   1 
ATOM   183 O  OP2   . DG  A 1 10 ? -4.847  8.681   -2.369  1.00 44.28 ? 10  DG  A OP2   1 
ATOM   184 O  "O5'" . DG  A 1 10 ? -7.163  8.024   -1.769  1.00 56.21 ? 10  DG  A "O5'" 1 
ATOM   185 C  "C5'" . DG  A 1 10 ? -8.195  7.068   -1.524  1.00 50.29 ? 10  DG  A "C5'" 1 
ATOM   186 C  "C4'" . DG  A 1 10 ? -9.098  7.545   -0.415  1.00 45.85 ? 10  DG  A "C4'" 1 
ATOM   187 O  "O4'" . DG  A 1 10 ? -8.395  7.456   0.858   1.00 40.53 ? 10  DG  A "O4'" 1 
ATOM   188 C  "C3'" . DG  A 1 10 ? -9.561  8.993   -0.509  1.00 40.56 ? 10  DG  A "C3'" 1 
ATOM   189 O  "O3'" . DG  A 1 10 ? -10.879 9.158   -0.040  1.00 50.59 ? 10  DG  A "O3'" 1 
ATOM   190 C  "C2'" . DG  A 1 10 ? -8.570  9.723   0.372   1.00 39.04 ? 10  DG  A "C2'" 1 
ATOM   191 C  "C1'" . DG  A 1 10 ? -8.538  8.712   1.526   1.00 36.94 ? 10  DG  A "C1'" 1 
ATOM   192 N  N9    . DG  A 1 10 ? -7.447  8.797   2.481   1.00 37.01 ? 10  DG  A N9    1 
ATOM   193 C  C8    . DG  A 1 10 ? -6.158  9.238   2.354   1.00 41.69 ? 10  DG  A C8    1 
ATOM   194 N  N7    . DG  A 1 10 ? -5.474  9.152   3.464   1.00 33.33 ? 10  DG  A N7    1 
ATOM   195 C  C5    . DG  A 1 10 ? -6.377  8.623   4.371   1.00 27.12 ? 10  DG  A C5    1 
ATOM   196 C  C6    . DG  A 1 10 ? -6.206  8.305   5.747   1.00 30.26 ? 10  DG  A C6    1 
ATOM   197 O  O6    . DG  A 1 10 ? -5.162  8.458   6.393   1.00 23.23 ? 10  DG  A O6    1 
ATOM   198 N  N1    . DG  A 1 10 ? -7.372  7.792   6.287   1.00 27.79 ? 10  DG  A N1    1 
ATOM   199 C  C2    . DG  A 1 10 ? -8.557  7.601   5.617   1.00 30.96 ? 10  DG  A C2    1 
ATOM   200 N  N2    . DG  A 1 10 ? -9.580  7.091   6.314   1.00 21.80 ? 10  DG  A N2    1 
ATOM   201 N  N3    . DG  A 1 10 ? -8.731  7.894   4.334   1.00 25.28 ? 10  DG  A N3    1 
ATOM   202 C  C4    . DG  A 1 10 ? -7.599  8.394   3.794   1.00 22.31 ? 10  DG  A C4    1 
ATOM   203 P  P     . DC  A 1 11 ? -12.141 9.408   -1.001  1.00 51.23 ? 11  DC  A P     1 
ATOM   204 O  OP1   . DC  A 1 11 ? -12.083 8.461   -2.147  1.00 49.98 ? 11  DC  A OP1   1 
ATOM   205 O  OP2   . DC  A 1 11 ? -12.277 10.865  -1.267  1.00 60.63 ? 11  DC  A OP2   1 
ATOM   206 O  "O5'" . DC  A 1 11 ? -13.362 8.975   -0.068  1.00 42.07 ? 11  DC  A "O5'" 1 
ATOM   207 C  "C5'" . DC  A 1 11 ? -13.515 7.617   0.354   1.00 38.03 ? 11  DC  A "C5'" 1 
ATOM   208 C  "C4'" . DC  A 1 11 ? -13.927 7.577   1.805   1.00 37.04 ? 11  DC  A "C4'" 1 
ATOM   209 O  "O4'" . DC  A 1 11 ? -12.841 8.083   2.622   1.00 41.34 ? 11  DC  A "O4'" 1 
ATOM   210 C  "C3'" . DC  A 1 11 ? -15.137 8.426   2.171   1.00 34.68 ? 11  DC  A "C3'" 1 
ATOM   211 O  "O3'" . DC  A 1 11 ? -15.956 7.807   3.151   1.00 37.00 ? 11  DC  A "O3'" 1 
ATOM   212 C  "C2'" . DC  A 1 11 ? -14.510 9.706   2.692   1.00 37.35 ? 11  DC  A "C2'" 1 
ATOM   213 C  "C1'" . DC  A 1 11 ? -13.317 9.140   3.456   1.00 40.48 ? 11  DC  A "C1'" 1 
ATOM   214 N  N1    . DC  A 1 11 ? -12.030 9.870   3.654   1.00 37.07 ? 11  DC  A N1    1 
ATOM   215 C  C2    . DC  A 1 11 ? -11.511 9.828   4.949   1.00 33.49 ? 11  DC  A C2    1 
ATOM   216 O  O2    . DC  A 1 11 ? -12.121 9.212   5.832   1.00 25.56 ? 11  DC  A O2    1 
ATOM   217 N  N3    . DC  A 1 11 ? -10.346 10.463  5.223   1.00 35.54 ? 11  DC  A N3    1 
ATOM   218 C  C4    . DC  A 1 11 ? -9.689  11.123  4.275   1.00 37.12 ? 11  DC  A C4    1 
ATOM   219 N  N4    . DC  A 1 11 ? -8.544  11.735  4.586   1.00 33.15 ? 11  DC  A N4    1 
ATOM   220 C  C5    . DC  A 1 11 ? -10.196 11.184  2.943   1.00 47.95 ? 11  DC  A C5    1 
ATOM   221 C  C6    . DC  A 1 11 ? -11.348 10.553  2.681   1.00 46.38 ? 11  DC  A C6    1 
ATOM   222 P  P     . DG  A 1 12 ? -17.544 8.036   3.157   1.00 44.84 ? 12  DG  A P     1 
ATOM   223 O  OP1   . DG  A 1 12 ? -18.234 6.718   3.014   1.00 46.07 ? 12  DG  A OP1   1 
ATOM   224 O  OP2   . DG  A 1 12 ? -17.896 9.161   2.246   1.00 37.72 ? 12  DG  A OP2   1 
ATOM   225 O  "O5'" . DG  A 1 12 ? -17.899 8.542   4.616   1.00 51.21 ? 12  DG  A "O5'" 1 
ATOM   226 C  "C5'" . DG  A 1 12 ? -17.204 8.193   5.808   1.00 40.69 ? 12  DG  A "C5'" 1 
ATOM   227 C  "C4'" . DG  A 1 12 ? -17.274 9.398   6.719   1.00 32.96 ? 12  DG  A "C4'" 1 
ATOM   228 O  "O4'" . DG  A 1 12 ? -15.999 10.068  6.744   1.00 28.01 ? 12  DG  A "O4'" 1 
ATOM   229 C  "C3'" . DG  A 1 12 ? -18.286 10.453  6.288   1.00 34.12 ? 12  DG  A "C3'" 1 
ATOM   230 O  "O3'" . DG  A 1 12 ? -19.457 10.384  7.100   1.00 41.40 ? 12  DG  A "O3'" 1 
ATOM   231 C  "C2'" . DG  A 1 12 ? -17.591 11.781  6.442   1.00 29.50 ? 12  DG  A "C2'" 1 
ATOM   232 C  "C1'" . DG  A 1 12 ? -16.227 11.455  7.002   1.00 21.53 ? 12  DG  A "C1'" 1 
ATOM   233 N  N9    . DG  A 1 12 ? -15.060 12.051  6.366   1.00 29.13 ? 12  DG  A N9    1 
ATOM   234 C  C8    . DG  A 1 12 ? -14.921 12.386  5.037   1.00 32.39 ? 12  DG  A C8    1 
ATOM   235 N  N7    . DG  A 1 12 ? -13.753 12.900  4.786   1.00 30.97 ? 12  DG  A N7    1 
ATOM   236 C  C5    . DG  A 1 12 ? -13.097 12.900  6.014   1.00 28.79 ? 12  DG  A C5    1 
ATOM   237 C  C6    . DG  A 1 12 ? -11.790 13.346  6.343   1.00 27.35 ? 12  DG  A C6    1 
ATOM   238 O  O6    . DG  A 1 12 ? -10.989 13.830  5.547   1.00 28.78 ? 12  DG  A O6    1 
ATOM   239 N  N1    . DG  A 1 12 ? -11.482 13.181  7.697   1.00 19.17 ? 12  DG  A N1    1 
ATOM   240 C  C2    . DG  A 1 12 ? -12.370 12.640  8.596   1.00 20.33 ? 12  DG  A C2    1 
ATOM   241 N  N2    . DG  A 1 12 ? -11.945 12.541  9.863   1.00 25.77 ? 12  DG  A N2    1 
ATOM   242 N  N3    . DG  A 1 12 ? -13.595 12.218  8.310   1.00 22.36 ? 12  DG  A N3    1 
ATOM   243 C  C4    . DG  A 1 12 ? -13.892 12.378  7.002   1.00 24.15 ? 12  DG  A C4    1 
ATOM   244 O  "O5'" . DC  B 1 1  ? -3.911  16.253  12.323  1.00 39.63 ? 13  DC  B "O5'" 1 
ATOM   245 C  "C5'" . DC  B 1 1  ? -4.826  17.283  11.947  1.00 30.68 ? 13  DC  B "C5'" 1 
ATOM   246 C  "C4'" . DC  B 1 1  ? -5.839  16.428  12.668  1.00 31.07 ? 13  DC  B "C4'" 1 
ATOM   247 O  "O4'" . DC  B 1 1  ? -6.930  16.097  11.772  1.00 30.47 ? 13  DC  B "O4'" 1 
ATOM   248 C  "C3'" . DC  B 1 1  ? -5.321  15.089  13.178  1.00 33.19 ? 13  DC  B "C3'" 1 
ATOM   249 O  "O3'" . DC  B 1 1  ? -5.930  14.761  14.416  1.00 43.01 ? 13  DC  B "O3'" 1 
ATOM   250 C  "C2'" . DC  B 1 1  ? -5.687  14.113  12.086  1.00 34.46 ? 13  DC  B "C2'" 1 
ATOM   251 C  "C1'" . DC  B 1 1  ? -6.976  14.699  11.532  1.00 24.97 ? 13  DC  B "C1'" 1 
ATOM   252 N  N1    . DC  B 1 1  ? -7.262  14.727  10.060  1.00 33.68 ? 13  DC  B N1    1 
ATOM   253 C  C2    . DC  B 1 1  ? -8.538  14.268  9.703   1.00 31.57 ? 13  DC  B C2    1 
ATOM   254 O  O2    . DC  B 1 1  ? -9.312  13.887  10.593  1.00 27.30 ? 13  DC  B O2    1 
ATOM   255 N  N3    . DC  B 1 1  ? -8.902  14.250  8.396   1.00 34.22 ? 13  DC  B N3    1 
ATOM   256 C  C4    . DC  B 1 1  ? -8.031  14.671  7.471   1.00 37.15 ? 13  DC  B C4    1 
ATOM   257 N  N4    . DC  B 1 1  ? -8.402  14.648  6.191   1.00 50.37 ? 13  DC  B N4    1 
ATOM   258 C  C5    . DC  B 1 1  ? -6.728  15.144  7.801   1.00 38.74 ? 13  DC  B C5    1 
ATOM   259 C  C6    . DC  B 1 1  ? -6.390  15.151  9.095   1.00 35.40 ? 13  DC  B C6    1 
ATOM   260 P  P     . DG  B 1 2  ? -5.393  13.695  15.472  1.00 45.33 ? 14  DG  B P     1 
ATOM   261 O  OP1   . DG  B 1 2  ? -5.698  14.186  16.851  1.00 57.27 ? 14  DG  B OP1   1 
ATOM   262 O  OP2   . DG  B 1 2  ? -3.989  13.287  15.178  1.00 28.44 ? 14  DG  B OP2   1 
ATOM   263 O  "O5'" . DG  B 1 2  ? -6.306  12.415  15.199  1.00 37.59 ? 14  DG  B "O5'" 1 
ATOM   264 C  "C5'" . DG  B 1 2  ? -7.676  12.401  15.596  1.00 31.76 ? 14  DG  B "C5'" 1 
ATOM   265 C  "C4'" . DG  B 1 2  ? -8.374  11.263  14.894  1.00 31.89 ? 14  DG  B "C4'" 1 
ATOM   266 O  "O4'" . DG  B 1 2  ? -8.334  11.478  13.463  1.00 31.80 ? 14  DG  B "O4'" 1 
ATOM   267 C  "C3'" . DG  B 1 2  ? -7.751  9.889   15.129  1.00 26.18 ? 14  DG  B "C3'" 1 
ATOM   268 O  "O3'" . DG  B 1 2  ? -8.628  9.102   15.920  1.00 27.10 ? 14  DG  B "O3'" 1 
ATOM   269 C  "C2'" . DG  B 1 2  ? -7.532  9.303   13.755  1.00 30.65 ? 14  DG  B "C2'" 1 
ATOM   270 C  "C1'" . DG  B 1 2  ? -8.342  10.194  12.833  1.00 30.05 ? 14  DG  B "C1'" 1 
ATOM   271 N  N9    . DG  B 1 2  ? -7.830  10.501  11.500  1.00 27.82 ? 14  DG  B N9    1 
ATOM   272 C  C8    . DG  B 1 2  ? -6.579  10.972  11.179  1.00 32.32 ? 14  DG  B C8    1 
ATOM   273 N  N7    . DG  B 1 2  ? -6.407  11.154  9.900   1.00 27.77 ? 14  DG  B N7    1 
ATOM   274 C  C5    . DG  B 1 2  ? -7.621  10.779  9.343   1.00 31.03 ? 14  DG  B C5    1 
ATOM   275 C  C6    . DG  B 1 2  ? -8.014  10.770  7.980   1.00 27.41 ? 14  DG  B C6    1 
ATOM   276 O  O6    . DG  B 1 2  ? -7.299  11.113  7.031   1.00 24.84 ? 14  DG  B O6    1 
ATOM   277 N  N1    . DG  B 1 2  ? -9.325  10.324  7.819   1.00 24.86 ? 14  DG  B N1    1 
ATOM   278 C  C2    . DG  B 1 2  ? -10.136 9.940   8.852   1.00 21.21 ? 14  DG  B C2    1 
ATOM   279 N  N2    . DG  B 1 2  ? -11.380 9.532   8.536   1.00 20.52 ? 14  DG  B N2    1 
ATOM   280 N  N3    . DG  B 1 2  ? -9.775  9.945   10.129  1.00 26.43 ? 14  DG  B N3    1 
ATOM   281 C  C4    . DG  B 1 2  ? -8.512  10.373  10.316  1.00 32.02 ? 14  DG  B C4    1 
ATOM   282 P  P     . DC  B 1 3  ? -8.392  7.583   16.340  1.00 27.90 ? 15  DC  B P     1 
ATOM   283 O  OP1   . DC  B 1 3  ? -9.095  7.345   17.628  1.00 25.79 ? 15  DC  B OP1   1 
ATOM   284 O  OP2   . DC  B 1 3  ? -6.939  7.248   16.237  1.00 28.95 ? 15  DC  B OP2   1 
ATOM   285 O  "O5'" . DC  B 1 3  ? -9.158  6.689   15.256  1.00 23.72 ? 15  DC  B "O5'" 1 
ATOM   286 C  "C5'" . DC  B 1 3  ? -10.525 7.009   14.957  1.00 24.87 ? 15  DC  B "C5'" 1 
ATOM   287 C  "C4'" . DC  B 1 3  ? -10.890 6.472   13.600  1.00 21.75 ? 15  DC  B "C4'" 1 
ATOM   288 O  "O4'" . DC  B 1 3  ? -10.118 7.125   12.563  1.00 23.91 ? 15  DC  B "O4'" 1 
ATOM   289 C  "C3'" . DC  B 1 3  ? -10.598 4.993   13.362  1.00 22.99 ? 15  DC  B "C3'" 1 
ATOM   290 O  "O3'" . DC  B 1 3  ? -11.618 4.164   13.884  1.00 22.27 ? 15  DC  B "O3'" 1 
ATOM   291 C  "C2'" . DC  B 1 3  ? -10.513 4.894   11.858  1.00 24.46 ? 15  DC  B "C2'" 1 
ATOM   292 C  "C1'" . DC  B 1 3  ? -10.124 6.284   11.407  1.00 23.01 ? 15  DC  B "C1'" 1 
ATOM   293 N  N1    . DC  B 1 3  ? -8.749  6.602   10.910  1.00 22.21 ? 15  DC  B N1    1 
ATOM   294 C  C2    . DC  B 1 3  ? -8.685  6.885   9.542   1.00 25.78 ? 15  DC  B C2    1 
ATOM   295 O  O2    . DC  B 1 3  ? -9.730  6.852   8.869   1.00 30.52 ? 15  DC  B O2    1 
ATOM   296 N  N3    . DC  B 1 3  ? -7.491  7.184   8.988   1.00 21.47 ? 15  DC  B N3    1 
ATOM   297 C  C4    . DC  B 1 3  ? -6.388  7.212   9.740   1.00 26.82 ? 15  DC  B C4    1 
ATOM   298 N  N4    . DC  B 1 3  ? -5.230  7.513   9.149   1.00 22.71 ? 15  DC  B N4    1 
ATOM   299 C  C5    . DC  B 1 3  ? -6.428  6.926   11.133  1.00 25.85 ? 15  DC  B C5    1 
ATOM   300 C  C6    . DC  B 1 3  ? -7.613  6.629   11.671  1.00 25.38 ? 15  DC  B C6    1 
ATOM   301 P  P     . DG  B 1 4  ? -11.555 2.566   13.814  1.00 33.51 ? 16  DG  B P     1 
ATOM   302 O  OP1   . DG  B 1 4  ? -12.687 2.060   14.639  1.00 39.19 ? 16  DG  B OP1   1 
ATOM   303 O  OP2   . DG  B 1 4  ? -10.169 2.094   14.079  1.00 26.25 ? 16  DG  B OP2   1 
ATOM   304 O  "O5'" . DG  B 1 4  ? -11.898 2.210   12.291  1.00 30.92 ? 16  DG  B "O5'" 1 
ATOM   305 C  "C5'" . DG  B 1 4  ? -13.248 2.424   11.867  1.00 28.53 ? 16  DG  B "C5'" 1 
ATOM   306 C  "C4'" . DG  B 1 4  ? -13.397 2.152   10.394  1.00 23.70 ? 16  DG  B "C4'" 1 
ATOM   307 O  "O4'" . DG  B 1 4  ? -12.351 2.822   9.649   1.00 24.86 ? 16  DG  B "O4'" 1 
ATOM   308 C  "C3'" . DG  B 1 4  ? -13.288 0.679   10.005  1.00 33.19 ? 16  DG  B "C3'" 1 
ATOM   309 O  "O3'" . DG  B 1 4  ? -14.136 0.369   8.912   1.00 36.71 ? 16  DG  B "O3'" 1 
ATOM   310 C  "C2'" . DG  B 1 4  ? -11.825 0.527   9.661   1.00 28.82 ? 16  DG  B "C2'" 1 
ATOM   311 C  "C1'" . DG  B 1 4  ? -11.520 1.872   9.011   1.00 23.62 ? 16  DG  B "C1'" 1 
ATOM   312 N  N9    . DG  B 1 4  ? -10.144 2.310   9.197   1.00 27.17 ? 16  DG  B N9    1 
ATOM   313 C  C8    . DG  B 1 4  ? -9.329  2.146   10.288  1.00 26.49 ? 16  DG  B C8    1 
ATOM   314 N  N7    . DG  B 1 4  ? -8.148  2.666   10.108  1.00 34.86 ? 16  DG  B N7    1 
ATOM   315 C  C5    . DG  B 1 4  ? -8.188  3.198   8.833   1.00 26.66 ? 16  DG  B C5    1 
ATOM   316 C  C6    . DG  B 1 4  ? -7.210  3.887   8.080   1.00 22.18 ? 16  DG  B C6    1 
ATOM   317 O  O6    . DG  B 1 4  ? -6.057  4.177   8.414   1.00 24.96 ? 16  DG  B O6    1 
ATOM   318 N  N1    . DG  B 1 4  ? -7.694  4.244   6.826   1.00 28.09 ? 16  DG  B N1    1 
ATOM   319 C  C2    . DG  B 1 4  ? -8.950  3.982   6.339   1.00 29.82 ? 16  DG  B C2    1 
ATOM   320 N  N2    . DG  B 1 4  ? -9.252  4.400   5.099   1.00 20.43 ? 16  DG  B N2    1 
ATOM   321 N  N3    . DG  B 1 4  ? -9.867  3.340   7.033   1.00 26.93 ? 16  DG  B N3    1 
ATOM   322 C  C4    . DG  B 1 4  ? -9.415  2.987   8.253   1.00 28.33 ? 16  DG  B C4    1 
ATOM   323 P  P     . DA  B 1 5  ? -13.964 -0.994  8.076   1.00 34.58 ? 17  DA  B P     1 
ATOM   324 O  OP1   . DA  B 1 5  ? -15.293 -1.618  7.832   1.00 33.35 ? 17  DA  B OP1   1 
ATOM   325 O  OP2   . DA  B 1 5  ? -12.923 -1.857  8.700   1.00 31.46 ? 17  DA  B OP2   1 
ATOM   326 O  "O5'" . DA  B 1 5  ? -13.390 -0.478  6.707   1.00 25.80 ? 17  DA  B "O5'" 1 
ATOM   327 C  "C5'" . DA  B 1 5  ? -13.677 0.752   6.055   1.00 24.25 ? 17  DA  B "C5'" 1 
ATOM   328 C  "C4'" . DA  B 1 5  ? -13.006 0.666   4.702   1.00 32.05 ? 17  DA  B "C4'" 1 
ATOM   329 O  "O4'" . DA  B 1 5  ? -11.649 1.131   4.777   1.00 37.42 ? 17  DA  B "O4'" 1 
ATOM   330 C  "C3'" . DA  B 1 5  ? -12.966 -0.766  4.158   1.00 36.83 ? 17  DA  B "C3'" 1 
ATOM   331 O  "O3'" . DA  B 1 5  ? -13.497 -0.762  2.842   1.00 50.48 ? 17  DA  B "O3'" 1 
ATOM   332 C  "C2'" . DA  B 1 5  ? -11.521 -1.170  4.224   1.00 30.98 ? 17  DA  B "C2'" 1 
ATOM   333 C  "C1'" . DA  B 1 5  ? -10.746 0.123   4.368   1.00 39.00 ? 17  DA  B "C1'" 1 
ATOM   334 N  N9    . DA  B 1 5  ? -9.832  0.103   5.439   1.00 25.83 ? 17  DA  B N9    1 
ATOM   335 C  C8    . DA  B 1 5  ? -9.964  -0.365  6.718   1.00 23.69 ? 17  DA  B C8    1 
ATOM   336 N  N7    . DA  B 1 5  ? -8.888  -0.219  7.460   1.00 19.45 ? 17  DA  B N7    1 
ATOM   337 C  C5    . DA  B 1 5  ? -7.992  0.385   6.597   1.00 22.54 ? 17  DA  B C5    1 
ATOM   338 C  C6    . DA  B 1 5  ? -6.662  0.804   6.776   1.00 26.89 ? 17  DA  B C6    1 
ATOM   339 N  N6    . DA  B 1 5  ? -6.006  0.662   7.934   1.00 18.76 ? 17  DA  B N6    1 
ATOM   340 N  N1    . DA  B 1 5  ? -6.063  1.368   5.709   1.00 29.86 ? 17  DA  B N1    1 
ATOM   341 C  C2    . DA  B 1 5  ? -6.731  1.506   4.555   1.00 21.71 ? 17  DA  B C2    1 
ATOM   342 N  N3    . DA  B 1 5  ? -7.987  1.150   4.263   1.00 22.18 ? 17  DA  B N3    1 
ATOM   343 C  C4    . DA  B 1 5  ? -8.560  0.590   5.343   1.00 26.52 ? 17  DA  B C4    1 
ATOM   344 P  P     . DA  B 1 6  ? -13.103 -1.811  1.699   1.00 45.07 ? 18  DA  B P     1 
ATOM   345 O  OP1   . DA  B 1 6  ? -13.778 -1.374  0.436   1.00 47.60 ? 18  DA  B OP1   1 
ATOM   346 O  OP2   . DA  B 1 6  ? -13.250 -3.210  2.178   1.00 39.68 ? 18  DA  B OP2   1 
ATOM   347 O  "O5'" . DA  B 1 6  ? -11.541 -1.541  1.450   1.00 43.10 ? 18  DA  B "O5'" 1 
ATOM   348 C  "C5'" . DA  B 1 6  ? -11.155 -0.412  0.661   1.00 38.53 ? 18  DA  B "C5'" 1 
ATOM   349 C  "C4'" . DA  B 1 6  ? -9.716  -0.593  0.242   1.00 39.52 ? 18  DA  B "C4'" 1 
ATOM   350 O  "O4'" . DA  B 1 6  ? -8.870  -0.590  1.416   1.00 39.34 ? 18  DA  B "O4'" 1 
ATOM   351 C  "C3'" . DA  B 1 6  ? -9.422  -1.897  -0.503  1.00 38.36 ? 18  DA  B "C3'" 1 
ATOM   352 O  "O3'" . DA  B 1 6  ? -8.929  -1.593  -1.800  1.00 54.28 ? 18  DA  B "O3'" 1 
ATOM   353 C  "C2'" . DA  B 1 6  ? -8.415  -2.623  0.352   1.00 31.53 ? 18  DA  B "C2'" 1 
ATOM   354 C  "C1'" . DA  B 1 6  ? -7.829  -1.541  1.237   1.00 27.67 ? 18  DA  B "C1'" 1 
ATOM   355 N  N9    . DA  B 1 6  ? -7.574  -1.908  2.564   1.00 24.51 ? 18  DA  B N9    1 
ATOM   356 C  C8    . DA  B 1 6  ? -8.361  -2.554  3.495   1.00 18.69 ? 18  DA  B C8    1 
ATOM   357 N  N7    . DA  B 1 6  ? -7.770  -2.721  4.643   1.00 22.40 ? 18  DA  B N7    1 
ATOM   358 C  C5    . DA  B 1 6  ? -6.517  -2.148  4.458   1.00 23.16 ? 18  DA  B C5    1 
ATOM   359 C  C6    . DA  B 1 6  ? -5.404  -2.000  5.306   1.00 20.88 ? 18  DA  B C6    1 
ATOM   360 N  N6    . DA  B 1 6  ? -5.428  -2.453  6.559   1.00 19.37 ? 18  DA  B N6    1 
ATOM   361 N  N1    . DA  B 1 6  ? -4.305  -1.386  4.818   1.00 19.36 ? 18  DA  B N1    1 
ATOM   362 C  C2    . DA  B 1 6  ? -4.316  -0.945  3.560   1.00 24.51 ? 18  DA  B C2    1 
ATOM   363 N  N3    . DA  B 1 6  ? -5.304  -1.027  2.664   1.00 23.29 ? 18  DA  B N3    1 
ATOM   364 C  C4    . DA  B 1 6  ? -6.376  -1.642  3.183   1.00 21.38 ? 18  DA  B C4    1 
ATOM   365 P  P     . DT  B 1 7  ? -8.239  -2.664  -2.783  1.00 46.90 ? 19  DT  B P     1 
ATOM   366 O  OP1   . DT  B 1 7  ? -8.201  -2.101  -4.157  1.00 52.02 ? 19  DT  B OP1   1 
ATOM   367 O  OP2   . DT  B 1 7  ? -8.794  -4.022  -2.545  1.00 35.12 ? 19  DT  B OP2   1 
ATOM   368 O  "O5'" . DT  B 1 7  ? -6.713  -2.691  -2.279  1.00 41.70 ? 19  DT  B "O5'" 1 
ATOM   369 C  "C5'" . DT  B 1 7  ? -5.983  -1.470  -2.246  1.00 31.21 ? 19  DT  B "C5'" 1 
ATOM   370 C  "C4'" . DT  B 1 7  ? -4.579  -1.696  -1.729  1.00 31.21 ? 19  DT  B "C4'" 1 
ATOM   371 O  "O4'" . DT  B 1 7  ? -4.606  -2.126  -0.343  1.00 27.53 ? 19  DT  B "O4'" 1 
ATOM   372 C  "C3'" . DT  B 1 7  ? -3.794  -2.765  -2.488  1.00 19.82 ? 19  DT  B "C3'" 1 
ATOM   373 O  "O3'" . DT  B 1 7  ? -2.610  -2.196  -3.020  1.00 33.73 ? 19  DT  B "O3'" 1 
ATOM   374 C  "C2'" . DT  B 1 7  ? -3.511  -3.845  -1.471  1.00 24.16 ? 19  DT  B "C2'" 1 
ATOM   375 C  "C1'" . DT  B 1 7  ? -3.541  -3.061  -0.163  1.00 32.42 ? 19  DT  B "C1'" 1 
ATOM   376 N  N1    . DT  B 1 7  ? -4.014  -3.657  1.034   1.00 25.12 ? 19  DT  B N1    1 
ATOM   377 C  C2    . DT  B 1 7  ? -3.134  -3.649  2.094   1.00 17.00 ? 19  DT  B C2    1 
ATOM   378 O  O2    . DT  B 1 7  ? -2.021  -3.164  2.025   1.00 23.90 ? 19  DT  B O2    1 
ATOM   379 N  N3    . DT  B 1 7  ? -3.624  -4.235  3.233   1.00 17.84 ? 19  DT  B N3    1 
ATOM   380 C  C4    . DT  B 1 7  ? -4.866  -4.810  3.416   1.00 20.02 ? 19  DT  B C4    1 
ATOM   381 O  O4    . DT  B 1 7  ? -5.179  -5.302  4.496   1.00 24.69 ? 19  DT  B O4    1 
ATOM   382 C  C5    . DT  B 1 7  ? -5.737  -4.784  2.260   1.00 23.42 ? 19  DT  B C5    1 
ATOM   383 C  C7    . DT  B 1 7  ? -7.108  -5.381  2.347   1.00 26.56 ? 19  DT  B C7    1 
ATOM   384 C  C6    . DT  B 1 7  ? -5.266  -4.213  1.148   1.00 23.25 ? 19  DT  B C6    1 
ATOM   385 P  P     . DT  B 1 8  ? -1.593  -2.942  -4.008  1.00 35.96 ? 20  DT  B P     1 
ATOM   386 O  OP1   . DT  B 1 8  ? -0.966  -1.941  -4.899  1.00 32.13 ? 20  DT  B OP1   1 
ATOM   387 O  OP2   . DT  B 1 8  ? -2.254  -4.155  -4.559  1.00 35.38 ? 20  DT  B OP2   1 
ATOM   388 O  "O5'" . DT  B 1 8  ? -0.442  -3.487  -3.049  1.00 34.18 ? 20  DT  B "O5'" 1 
ATOM   389 C  "C5'" . DT  B 1 8  ? 0.166   -2.651  -2.066  1.00 37.31 ? 20  DT  B "C5'" 1 
ATOM   390 C  "C4'" . DT  B 1 8  ? 0.951   -3.510  -1.105  1.00 25.89 ? 20  DT  B "C4'" 1 
ATOM   391 O  "O4'" . DT  B 1 8  ? 0.060   -4.198  -0.192  1.00 28.37 ? 20  DT  B "O4'" 1 
ATOM   392 C  "C3'" . DT  B 1 8  ? 1.777   -4.612  -1.761  1.00 33.28 ? 20  DT  B "C3'" 1 
ATOM   393 O  "O3'" . DT  B 1 8  ? 3.151   -4.264  -1.654  1.00 44.16 ? 20  DT  B "O3'" 1 
ATOM   394 C  "C2'" . DT  B 1 8  ? 1.421   -5.878  -1.022  1.00 29.65 ? 20  DT  B "C2'" 1 
ATOM   395 C  "C1'" . DT  B 1 8  ? 0.785   -5.352  0.259   1.00 25.51 ? 20  DT  B "C1'" 1 
ATOM   396 N  N1    . DT  B 1 8  ? -0.325  -5.972  0.877   1.00 22.42 ? 20  DT  B N1    1 
ATOM   397 C  C2    . DT  B 1 8  ? -0.146  -6.309  2.197   1.00 22.91 ? 20  DT  B C2    1 
ATOM   398 O  O2    . DT  B 1 8  ? 0.884   -6.100  2.819   1.00 26.88 ? 20  DT  B O2    1 
ATOM   399 N  N3    . DT  B 1 8  ? -1.240  -6.913  2.767   1.00 24.62 ? 20  DT  B N3    1 
ATOM   400 C  C4    . DT  B 1 8  ? -2.454  -7.205  2.184   1.00 22.87 ? 20  DT  B C4    1 
ATOM   401 O  O4    . DT  B 1 8  ? -3.350  -7.750  2.823   1.00 26.27 ? 20  DT  B O4    1 
ATOM   402 C  C5    . DT  B 1 8  ? -2.567  -6.820  0.790   1.00 30.62 ? 20  DT  B C5    1 
ATOM   403 C  C7    . DT  B 1 8  ? -3.856  -7.108  0.092   1.00 38.75 ? 20  DT  B C7    1 
ATOM   404 C  C6    . DT  B 1 8  ? -1.512  -6.231  0.212   1.00 29.37 ? 20  DT  B C6    1 
ATOM   405 P  P     . DC  B 1 9  ? 4.306   -5.132  -2.345  1.00 39.46 ? 21  DC  B P     1 
ATOM   406 O  OP1   . DC  B 1 9  ? 5.438   -4.234  -2.664  1.00 34.84 ? 21  DC  B OP1   1 
ATOM   407 O  OP2   . DC  B 1 9  ? 3.714   -6.014  -3.391  1.00 43.11 ? 21  DC  B OP2   1 
ATOM   408 O  "O5'" . DC  B 1 9  ? 4.773   -6.106  -1.158  1.00 31.23 ? 21  DC  B "O5'" 1 
ATOM   409 C  "C5'" . DC  B 1 9  ? 5.051   -5.520  0.120   1.00 29.14 ? 21  DC  B "C5'" 1 
ATOM   410 C  "C4'" . DC  B 1 9  ? 5.150   -6.617  1.151   1.00 30.30 ? 21  DC  B "C4'" 1 
ATOM   411 O  "O4'" . DC  B 1 9  ? 3.827   -7.137  1.439   1.00 27.32 ? 21  DC  B "O4'" 1 
ATOM   412 C  "C3'" . DC  B 1 9  ? 5.989   -7.820  0.729   1.00 30.55 ? 21  DC  B "C3'" 1 
ATOM   413 O  "O3'" . DC  B 1 9  ? 7.259   -7.800  1.377   1.00 37.65 ? 21  DC  B "O3'" 1 
ATOM   414 C  "C2'" . DC  B 1 9  ? 5.173   -9.028  1.120   1.00 24.16 ? 21  DC  B "C2'" 1 
ATOM   415 C  "C1'" . DC  B 1 9  ? 3.979   -8.489  1.874   1.00 23.39 ? 21  DC  B "C1'" 1 
ATOM   416 N  N1    . DC  B 1 9  ? 2.566   -8.938  1.630   1.00 30.10 ? 21  DC  B N1    1 
ATOM   417 C  C2    . DC  B 1 9  ? 1.943   -9.463  2.771   1.00 32.04 ? 21  DC  B C2    1 
ATOM   418 O  O2    . DC  B 1 9  ? 2.569   -9.519  3.847   1.00 26.41 ? 21  DC  B O2    1 
ATOM   419 N  N3    . DC  B 1 9  ? 0.667   -9.901  2.673   1.00 26.27 ? 21  DC  B N3    1 
ATOM   420 C  C4    . DC  B 1 9  ? 0.012   -9.831  1.519   1.00 21.69 ? 21  DC  B C4    1 
ATOM   421 N  N4    . DC  B 1 9  ? -1.244  -10.279 1.489   1.00 27.20 ? 21  DC  B N4    1 
ATOM   422 C  C5    . DC  B 1 9  ? 0.619   -9.302  0.339   1.00 24.03 ? 21  DC  B C5    1 
ATOM   423 C  C6    . DC  B 1 9  ? 1.885   -8.872  0.449   1.00 29.57 ? 21  DC  B C6    1 
ATOM   424 P  P     . DG  B 1 10 ? 8.445   -8.834  1.057   1.00 39.60 ? 22  DG  B P     1 
ATOM   425 O  OP1   . DG  B 1 10 ? 9.670   -8.416  1.809   1.00 43.27 ? 22  DG  B OP1   1 
ATOM   426 O  OP2   . DG  B 1 10 ? 8.570   -9.096  -0.399  1.00 39.90 ? 22  DG  B OP2   1 
ATOM   427 O  "O5'" . DG  B 1 10 ? 7.956   -10.204 1.729   1.00 28.56 ? 22  DG  B "O5'" 1 
ATOM   428 C  "C5'" . DG  B 1 10 ? 8.015   -10.320 3.153   1.00 31.54 ? 22  DG  B "C5'" 1 
ATOM   429 C  "C4'" . DG  B 1 10 ? 7.419   -11.639 3.571   1.00 24.77 ? 22  DG  B "C4'" 1 
ATOM   430 O  "O4'" . DG  B 1 10 ? 6.007   -11.685 3.227   1.00 28.42 ? 22  DG  B "O4'" 1 
ATOM   431 C  "C3'" . DG  B 1 10 ? 8.040   -12.863 2.908   1.00 28.92 ? 22  DG  B "C3'" 1 
ATOM   432 O  "O3'" . DG  B 1 10 ? 8.303   -13.857 3.879   1.00 26.21 ? 22  DG  B "O3'" 1 
ATOM   433 C  "C2'" . DG  B 1 10 ? 7.003   -13.290 1.890   1.00 27.84 ? 22  DG  B "C2'" 1 
ATOM   434 C  "C1'" . DG  B 1 10 ? 5.728   -12.969 2.671   1.00 30.01 ? 22  DG  B "C1'" 1 
ATOM   435 N  N9    . DG  B 1 10 ? 4.471   -12.817 1.944   1.00 31.49 ? 22  DG  B N9    1 
ATOM   436 C  C8    . DG  B 1 10 ? 4.202   -12.365 0.676   1.00 24.52 ? 22  DG  B C8    1 
ATOM   437 N  N7    . DG  B 1 10 ? 2.928   -12.381 0.385   1.00 22.97 ? 22  DG  B N7    1 
ATOM   438 C  C5    . DG  B 1 10 ? 2.330   -12.873 1.537   1.00 22.79 ? 22  DG  B C5    1 
ATOM   439 C  C6    . DG  B 1 10 ? 0.966   -13.114 1.825   1.00 23.00 ? 22  DG  B C6    1 
ATOM   440 O  O6    . DG  B 1 10 ? 0.036   -12.910 1.041   1.00 26.22 ? 22  DG  B O6    1 
ATOM   441 N  N1    . DG  B 1 10 ? 0.784   -13.615 3.110   1.00 16.95 ? 22  DG  B N1    1 
ATOM   442 C  C2    . DG  B 1 10 ? 1.798   -13.854 4.004   1.00 23.69 ? 22  DG  B C2    1 
ATOM   443 N  N2    . DG  B 1 10 ? 1.445   -14.341 5.206   1.00 20.06 ? 22  DG  B N2    1 
ATOM   444 N  N3    . DG  B 1 10 ? 3.073   -13.635 3.752   1.00 27.61 ? 22  DG  B N3    1 
ATOM   445 C  C4    . DG  B 1 10 ? 3.262   -13.148 2.509   1.00 26.76 ? 22  DG  B C4    1 
ATOM   446 P  P     . DC  B 1 11 ? 9.418   -14.985 3.650   1.00 35.22 ? 23  DC  B P     1 
ATOM   447 O  OP1   . DC  B 1 11 ? 10.760  -14.474 4.012   1.00 38.22 ? 23  DC  B OP1   1 
ATOM   448 O  OP2   . DC  B 1 11 ? 9.236   -15.597 2.298   1.00 41.20 ? 23  DC  B OP2   1 
ATOM   449 O  "O5'" . DC  B 1 11 ? 8.967   -16.061 4.744   1.00 28.84 ? 23  DC  B "O5'" 1 
ATOM   450 C  "C5'" . DC  B 1 11 ? 8.670   -15.612 6.069   1.00 26.69 ? 23  DC  B "C5'" 1 
ATOM   451 C  "C4'" . DC  B 1 11 ? 7.428   -16.261 6.615   1.00 31.76 ? 23  DC  B "C4'" 1 
ATOM   452 O  "O4'" . DC  B 1 11 ? 6.268   -15.739 5.911   1.00 26.62 ? 23  DC  B "O4'" 1 
ATOM   453 C  "C3'" . DC  B 1 11 ? 7.303   -17.766 6.445   1.00 26.05 ? 23  DC  B "C3'" 1 
ATOM   454 O  "O3'" . DC  B 1 11 ? 7.927   -18.504 7.486   1.00 26.26 ? 23  DC  B "O3'" 1 
ATOM   455 C  "C2'" . DC  B 1 11 ? 5.810   -18.004 6.469   1.00 25.77 ? 23  DC  B "C2'" 1 
ATOM   456 C  "C1'" . DC  B 1 11 ? 5.242   -16.734 5.890   1.00 32.62 ? 23  DC  B "C1'" 1 
ATOM   457 N  N1    . DC  B 1 11 ? 4.881   -16.611 4.434   1.00 31.45 ? 23  DC  B N1    1 
ATOM   458 C  C2    . DC  B 1 11 ? 3.531   -16.885 4.200   1.00 35.15 ? 23  DC  B C2    1 
ATOM   459 O  O2    . DC  B 1 11 ? 2.789   -17.188 5.153   1.00 25.26 ? 23  DC  B O2    1 
ATOM   460 N  N3    . DC  B 1 11 ? 3.079   -16.806 2.929   1.00 26.51 ? 23  DC  B N3    1 
ATOM   461 C  C4    . DC  B 1 11 ? 3.910   -16.477 1.943   1.00 27.60 ? 23  DC  B C4    1 
ATOM   462 N  N4    . DC  B 1 11 ? 3.390   -16.420 0.713   1.00 15.49 ? 23  DC  B N4    1 
ATOM   463 C  C5    . DC  B 1 11 ? 5.292   -16.194 2.162   1.00 25.53 ? 23  DC  B C5    1 
ATOM   464 C  C6    . DC  B 1 11 ? 5.738   -16.273 3.425   1.00 24.26 ? 23  DC  B C6    1 
ATOM   465 P  P     . DG  B 1 12 ? 8.225   -20.056 7.173   1.00 33.75 ? 24  DG  B P     1 
ATOM   466 O  OP1   . DG  B 1 12 ? 9.089   -20.541 8.304   1.00 41.06 ? 24  DG  B OP1   1 
ATOM   467 O  OP2   . DG  B 1 12 ? 8.743   -20.199 5.787   1.00 29.27 ? 24  DG  B OP2   1 
ATOM   468 O  "O5'" . DG  B 1 12 ? 6.829   -20.797 7.270   1.00 28.06 ? 24  DG  B "O5'" 1 
ATOM   469 C  "C5'" . DG  B 1 12 ? 6.116   -20.867 8.502   1.00 28.58 ? 24  DG  B "C5'" 1 
ATOM   470 C  "C4'" . DG  B 1 12 ? 4.717   -21.387 8.282   1.00 33.30 ? 24  DG  B "C4'" 1 
ATOM   471 O  "O4'" . DG  B 1 12 ? 3.964   -20.501 7.416   1.00 31.10 ? 24  DG  B "O4'" 1 
ATOM   472 C  "C3'" . DG  B 1 12 ? 4.637   -22.747 7.599   1.00 30.69 ? 24  DG  B "C3'" 1 
ATOM   473 O  "O3'" . DG  B 1 12 ? 4.763   -23.813 8.525   1.00 28.92 ? 24  DG  B "O3'" 1 
ATOM   474 C  "C2'" . DG  B 1 12 ? 3.272   -22.720 6.953   1.00 32.86 ? 24  DG  B "C2'" 1 
ATOM   475 C  "C1'" . DG  B 1 12 ? 3.107   -21.265 6.561   1.00 25.79 ? 24  DG  B "C1'" 1 
ATOM   476 N  N9    . DG  B 1 12 ? 3.524   -20.875 5.206   1.00 23.69 ? 24  DG  B N9    1 
ATOM   477 C  C8    . DG  B 1 12 ? 4.757   -20.579 4.704   1.00 26.07 ? 24  DG  B C8    1 
ATOM   478 N  N7    . DG  B 1 12 ? 4.762   -20.267 3.435   1.00 25.83 ? 24  DG  B N7    1 
ATOM   479 C  C5    . DG  B 1 12 ? 3.428   -20.367 3.071   1.00 18.72 ? 24  DG  B C5    1 
ATOM   480 C  C6    . DG  B 1 12 ? 2.806   -20.146 1.809   1.00 20.96 ? 24  DG  B C6    1 
ATOM   481 O  O6    . DG  B 1 12 ? 3.376   -19.811 0.767   1.00 24.90 ? 24  DG  B O6    1 
ATOM   482 N  N1    . DG  B 1 12 ? 1.430   -20.354 1.865   1.00 24.01 ? 24  DG  B N1    1 
ATOM   483 C  C2    . DG  B 1 12 ? 0.758   -20.727 3.002   1.00 22.40 ? 24  DG  B C2    1 
ATOM   484 N  N2    . DG  B 1 12 ? -0.566  -20.895 2.922   1.00 21.35 ? 24  DG  B N2    1 
ATOM   485 N  N3    . DG  B 1 12 ? 1.337   -20.934 4.180   1.00 20.63 ? 24  DG  B N3    1 
ATOM   486 C  C4    . DG  B 1 12 ? 2.656   -20.738 4.143   1.00 13.62 ? 24  DG  B C4    1 
HETATM 487 MG MG    . MG  C 2 .  ? 6.024   -2.453  13.858  1.00 23.35 ? 26  MG  A MG    1 
HETATM 488 C  C7    . D35 D 3 .  ? -5.441  1.824   -0.465  1.00 48.17 ? 25  D35 A C7    1 
HETATM 489 N  N2    . D35 D 3 .  ? -5.874  2.188   -1.651  1.00 45.29 ? 25  D35 A N2    1 
HETATM 490 N  N1    . D35 D 3 .  ? -6.165  1.894   0.640   1.00 39.97 ? 25  D35 A N1    1 
HETATM 491 C  C8    . D35 D 3 .  ? -7.081  2.091   -2.375  1.00 47.01 ? 25  D35 A C8    1 
HETATM 492 C  C9    . D35 D 3 .  ? -7.254  3.081   -3.525  1.00 51.76 ? 25  D35 A C9    1 
HETATM 493 C  C10   . D35 D 3 .  ? -8.203  4.257   -3.247  1.00 45.64 ? 25  D35 A C10   1 
HETATM 494 C  C11   . D35 D 3 .  ? -9.533  3.729   -2.682  1.00 48.13 ? 25  D35 A C11   1 
HETATM 495 C  C12   . D35 D 3 .  ? -9.308  2.939   -1.383  1.00 50.98 ? 25  D35 A C12   1 
HETATM 496 C  C13   . D35 D 3 .  ? -8.372  1.752   -1.645  1.00 52.05 ? 25  D35 A C13   1 
HETATM 497 C  C1    . D35 D 3 .  ? -1.328  0.418   -0.147  1.00 33.70 ? 25  D35 A C1    1 
HETATM 498 C  C2    . D35 D 3 .  ? -1.792  1.084   -1.301  1.00 47.81 ? 25  D35 A C2    1 
HETATM 499 C  C3    . D35 D 3 .  ? -3.118  1.528   -1.397  1.00 49.69 ? 25  D35 A C3    1 
HETATM 500 C  C4    . D35 D 3 .  ? -4.038  1.331   -0.363  1.00 47.29 ? 25  D35 A C4    1 
HETATM 501 C  C5    . D35 D 3 .  ? -3.585  0.673   0.780   1.00 46.09 ? 25  D35 A C5    1 
HETATM 502 C  C6    . D35 D 3 .  ? -2.256  0.236   0.895   1.00 40.18 ? 25  D35 A C6    1 
HETATM 503 C  CA    . D35 D 3 .  ? 0.000   0.000   0.000   1.00 43.59 ? 25  D35 A CA    1 
HETATM 504 O  O1    . D35 D 3 .  ? 0.394   -0.895  0.920   1.00 43.73 ? 25  D35 A O1    1 
HETATM 505 C  CB    . D35 D 3 .  ? 1.066   0.421   -0.678  1.00 44.47 ? 25  D35 A CB    1 
HETATM 506 C  "CB'" . D35 D 3 .  ? 2.185   -0.278  -0.146  1.00 47.67 ? 25  D35 A "CB'" 1 
HETATM 507 C  "CA'" . D35 D 3 .  ? 1.723   -1.002  0.873   1.00 37.86 ? 25  D35 A "CA'" 1 
HETATM 508 C  "C1'" . D35 D 3 .  ? 2.441   -1.918  1.656   1.00 25.41 ? 25  D35 A "C1'" 1 
HETATM 509 C  "C2'" . D35 D 3 .  ? 3.817   -2.201  1.512   1.00 29.51 ? 25  D35 A "C2'" 1 
HETATM 510 C  "C3'" . D35 D 3 .  ? 4.439   -3.152  2.334   1.00 31.00 ? 25  D35 A "C3'" 1 
HETATM 511 C  "C4'" . D35 D 3 .  ? 3.750   -3.812  3.358   1.00 32.45 ? 25  D35 A "C4'" 1 
HETATM 512 C  "C5'" . D35 D 3 .  ? 2.375   -3.585  3.452   1.00 28.87 ? 25  D35 A "C5'" 1 
HETATM 513 C  "C6'" . D35 D 3 .  ? 1.734   -2.642  2.636   1.00 28.27 ? 25  D35 A "C6'" 1 
HETATM 514 C  "C7'" . D35 D 3 .  ? 4.391   -4.874  4.181   1.00 43.12 ? 25  D35 A "C7'" 1 
HETATM 515 N  "N2'" . D35 D 3 .  ? 5.684   -4.810  4.460   1.00 48.01 ? 25  D35 A "N2'" 1 
HETATM 516 N  "N1'" . D35 D 3 .  ? 3.617   -5.862  4.612   1.00 51.30 ? 25  D35 A "N1'" 1 
HETATM 517 C  "C8'" . D35 D 3 .  ? 6.552   -5.526  5.269   1.00 53.40 ? 25  D35 A "C8'" 1 
HETATM 518 C  "C9'" . D35 D 3 .  ? 7.322   -6.672  4.591   1.00 53.92 ? 25  D35 A "C9'" 1 
HETATM 519 C  CAX   . D35 D 3 .  ? 7.641   -7.602  5.775   1.00 55.77 ? 25  D35 A CAX   1 
HETATM 520 C  CBX   . D35 D 3 .  ? 8.519   -6.852  6.793   1.00 60.65 ? 25  D35 A CBX   1 
HETATM 521 C  CCX   . D35 D 3 .  ? 7.846   -5.562  7.300   1.00 64.11 ? 25  D35 A CCX   1 
HETATM 522 C  CDX   . D35 D 3 .  ? 7.495   -4.648  6.114   1.00 61.12 ? 25  D35 A CDX   1 
HETATM 523 O  O     . HOH E 4 .  ? 2.558   0.801   9.581   1.00 26.00 ? 27  HOH A O     1 
HETATM 524 O  O     . HOH E 4 .  ? 8.826   -4.440  11.215  1.00 34.62 ? 28  HOH A O     1 
HETATM 525 O  O     . HOH E 4 .  ? 8.431   -1.798  10.414  1.00 28.87 ? 30  HOH A O     1 
HETATM 526 O  O     . HOH E 4 .  ? 2.928   3.106   8.928   1.00 34.07 ? 32  HOH A O     1 
HETATM 527 O  O     . HOH E 4 .  ? -20.860 12.373  6.396   1.00 33.39 ? 33  HOH A O     1 
HETATM 528 O  O     . HOH E 4 .  ? -3.751  -2.147  10.667  1.00 36.93 ? 34  HOH A O     1 
HETATM 529 O  O     . HOH E 4 .  ? 2.303   -1.089  12.806  1.00 32.64 ? 35  HOH A O     1 
HETATM 530 O  O     . HOH E 4 .  ? 4.748   -4.040  17.355  1.00 22.42 ? 38  HOH A O     1 
HETATM 531 O  O     . HOH E 4 .  ? -9.822  -21.149 4.850   1.00 31.10 ? 39  HOH A O     1 
HETATM 532 O  O     . HOH E 4 .  ? -10.701 6.153   2.957   1.00 31.70 ? 40  HOH A O     1 
HETATM 533 O  O     . HOH E 4 .  ? 7.186   -2.301  3.924   1.00 32.87 ? 44  HOH A O     1 
HETATM 534 O  O     . HOH E 4 .  ? 8.760   -5.522  15.342  1.00 28.83 ? 46  HOH A O     1 
HETATM 535 O  O     . HOH E 4 .  ? -1.715  6.479   7.669   1.00 32.52 ? 48  HOH A O     1 
HETATM 536 O  O     . HOH E 4 .  ? 1.104   -3.701  12.429  1.00 45.00 ? 49  HOH A O     1 
HETATM 537 O  O     . HOH E 4 .  ? -10.979 -19.373 2.347   1.00 54.71 ? 50  HOH A O     1 
HETATM 538 O  O     . HOH E 4 .  ? 4.149   5.936   0.572   1.00 53.16 ? 51  HOH A O     1 
HETATM 539 O  O     . HOH E 4 .  ? 6.190   -6.872  15.983  1.00 46.07 ? 52  HOH A O     1 
HETATM 540 O  O     . HOH E 4 .  ? 8.246   -0.972  6.529   1.00 36.14 ? 53  HOH A O     1 
HETATM 541 O  O     . HOH E 4 .  ? -6.189  -11.013 10.330  1.00 47.02 ? 55  HOH A O     1 
HETATM 542 O  O     . HOH E 4 .  ? -8.212  -14.566 3.780   1.00 45.08 ? 56  HOH A O     1 
HETATM 543 O  O     . HOH E 4 .  ? 1.654   1.121   12.405  1.00 36.29 ? 57  HOH A O     1 
HETATM 544 O  O     . HOH E 4 .  ? -2.883  -5.507  10.664  1.00 51.10 ? 59  HOH A O     1 
HETATM 545 O  O     . HOH E 4 .  ? -6.387  -16.047 -0.638  1.00 40.54 ? 64  HOH A O     1 
HETATM 546 O  O     . HOH E 4 .  ? -7.043  13.863  2.876   1.00 42.97 ? 68  HOH A O     1 
HETATM 547 O  O     . HOH E 4 .  ? -5.410  -10.914 13.625  1.00 55.38 ? 74  HOH A O     1 
HETATM 548 O  O     . HOH E 4 .  ? -5.154  -12.981 0.040   1.00 57.53 ? 75  HOH A O     1 
HETATM 549 O  O     . HOH E 4 .  ? -2.742  -0.981  12.372  1.00 54.09 ? 76  HOH A O     1 
HETATM 550 O  O     . HOH E 4 .  ? 2.642   4.585   6.500   1.00 35.76 ? 78  HOH A O     1 
HETATM 551 O  O     . HOH E 4 .  ? -12.085 6.354   -3.068  1.00 63.99 ? 79  HOH A O     1 
HETATM 552 O  O     . HOH E 4 .  ? -4.458  1.378   -3.951  1.00 29.58 ? 80  HOH A O     1 
HETATM 553 O  O     . HOH E 4 .  ? 0.612   6.037   5.747   1.00 35.05 ? 81  HOH A O     1 
HETATM 554 O  O     . HOH E 4 .  ? -8.091  -19.650 9.693   1.00 49.01 ? 84  HOH A O     1 
HETATM 555 O  O     . HOH E 4 .  ? -20.058 12.344  3.431   1.00 31.86 ? 89  HOH A O     1 
HETATM 556 O  O     . HOH E 4 .  ? -16.974 7.144   -0.384  1.00 52.10 ? 90  HOH A O     1 
HETATM 557 O  O     . HOH E 4 .  ? 3.077   -0.185  15.401  1.00 32.11 ? 91  HOH A O     1 
HETATM 558 O  O     . HOH E 4 .  ? -5.107  -5.388  9.276   1.00 42.53 ? 92  HOH A O     1 
HETATM 559 O  O     . HOH E 4 .  ? -7.575  -14.613 0.708   1.00 54.54 ? 93  HOH A O     1 
HETATM 560 O  O     . HOH E 4 .  ? 10.642  -5.319  12.867  1.00 39.34 ? 94  HOH A O     1 
HETATM 561 O  O     . HOH E 4 .  ? 7.004   0.328   2.077   1.00 49.19 ? 95  HOH A O     1 
HETATM 562 O  O     . HOH E 4 .  ? -11.719 -16.225 5.092   1.00 49.56 ? 98  HOH A O     1 
HETATM 563 O  O     . HOH E 4 .  ? -23.938 10.521  2.208   1.00 56.44 ? 103 HOH A O     1 
HETATM 564 O  O     . HOH E 4 .  ? -13.077 13.655  2.204   1.00 58.68 ? 106 HOH A O     1 
HETATM 565 O  O     . HOH E 4 .  ? -9.326  -15.703 -0.300  1.00 46.97 ? 108 HOH A O     1 
HETATM 566 O  O     . HOH E 4 .  ? -9.767  7.102   -5.344  1.00 48.37 ? 109 HOH A O     1 
HETATM 567 O  O     . HOH E 4 .  ? -9.893  -8.605  9.472   1.00 48.66 ? 110 HOH A O     1 
HETATM 568 O  O     . HOH E 4 .  ? -1.246  1.649   11.880  1.00 55.96 ? 111 HOH A O     1 
HETATM 569 O  O     . HOH E 4 .  ? 2.365   4.625   -2.168  1.00 54.17 ? 113 HOH A O     1 
HETATM 570 O  O     . HOH E 4 .  ? 5.402   3.431   -0.579  1.00 41.72 ? 114 HOH A O     1 
HETATM 571 O  O     . HOH E 4 .  ? -2.589  8.920   6.650   1.00 40.72 ? 117 HOH A O     1 
HETATM 572 O  O     . HOH E 4 .  ? -5.191  -8.508  9.007   1.00 41.66 ? 122 HOH A O     1 
HETATM 573 O  O     . HOH E 4 .  ? -8.943  -13.285 -1.123  1.00 44.06 ? 124 HOH A O     1 
HETATM 574 O  O     . HOH E 4 .  ? -0.675  2.485   14.762  1.00 44.59 ? 125 HOH A O     1 
HETATM 575 O  O     . HOH E 4 .  ? -4.069  -7.537  12.508  1.00 50.79 ? 126 HOH A O     1 
HETATM 576 O  O     . HOH E 4 .  ? 3.968   7.954   -1.611  1.00 58.63 ? 127 HOH A O     1 
HETATM 577 O  O     . HOH E 4 .  ? -11.505 12.819  -0.342  1.00 42.77 ? 129 HOH A O     1 
HETATM 578 O  O     . HOH E 4 .  ? -8.650  -6.060  11.126  1.00 50.89 ? 130 HOH A O     1 
HETATM 579 O  O     . HOH E 4 .  ? 6.178   5.733   -1.251  1.00 51.35 ? 133 HOH A O     1 
HETATM 580 O  O     . HOH E 4 .  ? -9.919  -13.894 8.485   1.00 48.44 ? 136 HOH A O     1 
HETATM 581 O  O     . HOH E 4 .  ? 1.396   -5.902  15.546  1.00 44.68 ? 139 HOH A O     1 
HETATM 582 O  O     . HOH E 4 .  ? -0.566  9.491   -2.083  1.00 54.75 ? 141 HOH A O     1 
HETATM 583 O  O     . HOH E 4 .  ? -4.463  3.851   -6.284  1.00 66.48 ? 143 HOH A O     1 
HETATM 584 O  O     . HOH E 4 .  ? -2.963  -18.007 17.455  1.00 64.44 ? 144 HOH A O     1 
HETATM 585 O  O     . HOH E 4 .  ? -9.061  -14.676 -3.769  1.00 46.83 ? 146 HOH A O     1 
HETATM 586 O  O     . HOH E 4 .  ? 14.629  -6.720  12.333  1.00 47.83 ? 150 HOH A O     1 
HETATM 587 O  O     . HOH E 4 .  ? -15.056 17.318  -0.744  1.00 41.82 ? 153 HOH A O     1 
HETATM 588 O  O     . HOH E 4 .  ? -13.952 7.274   -4.039  1.00 56.78 ? 154 HOH A O     1 
HETATM 589 O  O     . HOH E 4 .  ? -11.666 16.552  -1.163  1.00 51.12 ? 157 HOH A O     1 
HETATM 590 O  O     . HOH E 4 .  ? -10.361 -15.365 10.230  1.00 53.11 ? 161 HOH A O     1 
HETATM 591 O  O     . HOH E 4 .  ? 7.329   6.023   -3.460  1.00 60.37 ? 162 HOH A O     1 
HETATM 592 O  O     . HOH E 4 .  ? -1.245  -3.817  13.831  1.00 55.59 ? 165 HOH A O     1 
HETATM 593 O  O     . HOH E 4 .  ? -11.322 -18.295 7.645   1.00 43.82 ? 166 HOH A O     1 
HETATM 594 O  O     . HOH E 4 .  ? -14.868 10.093  -3.366  1.00 47.46 ? 170 HOH A O     1 
HETATM 595 O  O     . HOH E 4 .  ? -9.718  -11.511 9.632   1.00 51.63 ? 173 HOH A O     1 
HETATM 596 O  O     . HOH E 4 .  ? -5.670  -3.757  14.530  1.00 51.82 ? 176 HOH A O     1 
HETATM 597 O  O     . HOH E 4 .  ? -4.044  12.117  2.810   1.00 62.11 ? 177 HOH A O     1 
HETATM 598 O  O     . HOH E 4 .  ? -9.242  -16.340 2.013   1.00 60.88 ? 179 HOH A O     1 
HETATM 599 O  O     . HOH E 4 .  ? 2.949   7.495   7.420   1.00 72.58 ? 181 HOH A O     1 
HETATM 600 O  O     . HOH E 4 .  ? -12.567 3.461   -0.986  1.00 62.48 ? 182 HOH A O     1 
HETATM 601 O  O     . HOH E 4 .  ? -7.045  -13.191 14.083  1.00 61.95 ? 183 HOH A O     1 
HETATM 602 O  O     . HOH E 4 .  ? -5.818  12.242  0.153   1.00 63.50 ? 187 HOH A O     1 
HETATM 603 O  O     . HOH E 4 .  ? -3.005  -5.268  15.725  1.00 49.05 ? 190 HOH A O     1 
HETATM 604 O  O     . HOH E 4 .  ? -9.935  -12.639 3.129   1.00 55.65 ? 191 HOH A O     1 
HETATM 605 O  O     . HOH E 4 .  ? -12.593 15.933  3.007   1.00 58.51 ? 192 HOH A O     1 
HETATM 606 O  O     . HOH E 4 .  ? -16.009 10.824  -0.251  1.00 60.28 ? 197 HOH A O     1 
HETATM 607 O  O     . HOH E 4 .  ? 4.256   -6.604  18.266  1.00 46.85 ? 200 HOH A O     1 
HETATM 608 O  O     . HOH E 4 .  ? -9.284  14.305  2.843   1.00 60.95 ? 202 HOH A O     1 
HETATM 609 O  O     . HOH E 4 .  ? -7.999  -13.866 6.270   1.00 50.69 ? 203 HOH A O     1 
HETATM 610 O  O     . HOH E 4 .  ? 0.029   -1.547  13.420  1.00 48.36 ? 206 HOH A O     1 
HETATM 611 O  O     . HOH E 4 .  ? -6.361  -7.047  15.434  1.00 57.49 ? 207 HOH A O     1 
HETATM 612 O  O     . HOH E 4 .  ? -8.244  3.097   1.318   1.00 43.68 ? 209 HOH A O     1 
HETATM 613 O  O     . HOH E 4 .  ? 3.917   8.660   2.967   1.00 70.66 ? 212 HOH A O     1 
HETATM 614 O  O     . HOH E 4 .  ? -3.634  -7.475  15.870  1.00 56.63 ? 217 HOH A O     1 
HETATM 615 O  O     . HOH E 4 .  ? 5.677   -0.889  15.080  1.00 19.55 ? 221 HOH A O     1 
HETATM 616 O  O     . HOH E 4 .  ? 4.479   -3.451  14.695  1.00 28.42 ? 222 HOH A O     1 
HETATM 617 O  O     . HOH E 4 .  ? 6.362   -4.029  12.659  1.00 26.46 ? 223 HOH A O     1 
HETATM 618 O  O     . HOH E 4 .  ? 7.526   -1.451  12.987  1.00 30.67 ? 224 HOH A O     1 
HETATM 619 O  O     . HOH E 4 .  ? 4.696   -1.692  12.521  1.00 20.59 ? 225 HOH A O     1 
HETATM 620 O  O     . HOH E 4 .  ? 7.287   -3.232  15.241  1.00 24.80 ? 226 HOH A O     1 
HETATM 621 O  O     . HOH F 4 .  ? -4.898  -10.157 2.859   1.00 44.85 ? 29  HOH B O     1 
HETATM 622 O  O     . HOH F 4 .  ? -10.805 9.319   18.361  1.00 32.68 ? 31  HOH B O     1 
HETATM 623 O  O     . HOH F 4 .  ? -6.922  -5.496  -1.494  1.00 37.91 ? 36  HOH B O     1 
HETATM 624 O  O     . HOH F 4 .  ? -4.483  3.229   10.089  1.00 57.70 ? 37  HOH B O     1 
HETATM 625 O  O     . HOH F 4 .  ? 4.484   -12.923 6.049   1.00 31.11 ? 41  HOH B O     1 
HETATM 626 O  O     . HOH F 4 .  ? 4.981   -23.830 -3.450  1.00 53.49 ? 42  HOH B O     1 
HETATM 627 O  O     . HOH F 4 .  ? -7.915  -4.146  7.635   1.00 55.26 ? 43  HOH B O     1 
HETATM 628 O  O     . HOH F 4 .  ? 7.445   -19.751 3.175   1.00 32.05 ? 45  HOH B O     1 
HETATM 629 O  O     . HOH F 4 .  ? 7.758   -4.959  2.044   1.00 51.84 ? 47  HOH B O     1 
HETATM 630 O  O     . HOH F 4 .  ? 5.330   -15.693 -1.408  1.00 35.57 ? 54  HOH B O     1 
HETATM 631 O  O     . HOH F 4 .  ? 9.778   -14.366 -0.046  1.00 41.06 ? 58  HOH B O     1 
HETATM 632 O  O     . HOH F 4 .  ? -12.171 -2.399  -2.345  1.00 48.43 ? 60  HOH B O     1 
HETATM 633 O  O     . HOH F 4 .  ? -6.965  -7.437  5.312   1.00 49.35 ? 61  HOH B O     1 
HETATM 634 O  O     . HOH F 4 .  ? 9.389   -16.733 9.988   1.00 53.70 ? 62  HOH B O     1 
HETATM 635 O  O     . HOH F 4 .  ? -8.152  -1.866  9.898   1.00 44.05 ? 63  HOH B O     1 
HETATM 636 O  O     . HOH F 4 .  ? 2.575   -2.697  -5.975  1.00 72.31 ? 65  HOH B O     1 
HETATM 637 O  O     . HOH F 4 .  ? 1.676   -20.614 -4.087  1.00 36.35 ? 66  HOH B O     1 
HETATM 638 O  O     . HOH F 4 .  ? -11.743 -4.123  6.765   1.00 37.42 ? 67  HOH B O     1 
HETATM 639 O  O     . HOH F 4 .  ? 10.089  -5.561  2.524   1.00 36.82 ? 69  HOH B O     1 
HETATM 640 O  O     . HOH F 4 .  ? 1.753   -7.004  -6.092  1.00 39.03 ? 70  HOH B O     1 
HETATM 641 O  O     . HOH F 4 .  ? 7.076   -10.453 6.817   1.00 43.93 ? 71  HOH B O     1 
HETATM 642 O  O     . HOH F 4 .  ? 11.884  -18.027 5.922   1.00 43.94 ? 72  HOH B O     1 
HETATM 643 O  O     . HOH F 4 .  ? -1.385  -2.893  -7.564  1.00 49.18 ? 73  HOH B O     1 
HETATM 644 O  O     . HOH F 4 .  ? 1.720   -22.654 -6.346  1.00 38.69 ? 77  HOH B O     1 
HETATM 645 O  O     . HOH F 4 .  ? 3.753   -21.253 -2.473  1.00 37.23 ? 82  HOH B O     1 
HETATM 646 O  O     . HOH F 4 .  ? -10.846 -4.451  2.393   1.00 47.60 ? 83  HOH B O     1 
HETATM 647 O  O     . HOH F 4 .  ? -11.473 2.229   2.260   1.00 52.11 ? 85  HOH B O     1 
HETATM 648 O  O     . HOH F 4 .  ? -6.090  -0.481  10.384  1.00 38.57 ? 86  HOH B O     1 
HETATM 649 O  O     . HOH F 4 .  ? -4.900  11.956  5.933   1.00 56.20 ? 87  HOH B O     1 
HETATM 650 O  O     . HOH F 4 .  ? 7.502   -13.420 -1.739  1.00 35.84 ? 88  HOH B O     1 
HETATM 651 O  O     . HOH F 4 .  ? -12.025 -0.396  16.388  1.00 42.09 ? 96  HOH B O     1 
HETATM 652 O  O     . HOH F 4 .  ? 5.209   -1.861  -2.196  1.00 54.33 ? 97  HOH B O     1 
HETATM 653 O  O     . HOH F 4 .  ? 2.221   -0.746  -4.847  1.00 51.31 ? 99  HOH B O     1 
HETATM 654 O  O     . HOH F 4 .  ? -14.983 2.130   14.714  1.00 44.13 ? 100 HOH B O     1 
HETATM 655 O  O     . HOH F 4 .  ? 5.448   -19.895 -0.222  1.00 41.45 ? 101 HOH B O     1 
HETATM 656 O  O     . HOH F 4 .  ? 5.670   -4.467  -6.534  1.00 52.63 ? 102 HOH B O     1 
HETATM 657 O  O     . HOH F 4 .  ? 8.710   -17.782 1.394   1.00 34.63 ? 104 HOH B O     1 
HETATM 658 O  O     . HOH F 4 .  ? -7.858  3.707   16.897  1.00 46.70 ? 105 HOH B O     1 
HETATM 659 O  O     . HOH F 4 .  ? 6.884   -6.687  -5.201  1.00 59.96 ? 107 HOH B O     1 
HETATM 660 O  O     . HOH F 4 .  ? -5.880  15.909  19.645  1.00 51.67 ? 112 HOH B O     1 
HETATM 661 O  O     . HOH F 4 .  ? -16.117 -2.242  4.401   1.00 49.77 ? 115 HOH B O     1 
HETATM 662 O  O     . HOH F 4 .  ? 12.477  -19.983 8.011   1.00 46.67 ? 116 HOH B O     1 
HETATM 663 O  O     . HOH F 4 .  ? -8.358  5.550   19.495  1.00 40.24 ? 118 HOH B O     1 
HETATM 664 O  O     . HOH F 4 .  ? -3.354  -5.404  -8.573  1.00 54.63 ? 119 HOH B O     1 
HETATM 665 O  O     . HOH F 4 .  ? -3.193  14.233  8.346   1.00 40.58 ? 120 HOH B O     1 
HETATM 666 O  O     . HOH F 4 .  ? -5.616  4.345   20.276  1.00 47.98 ? 121 HOH B O     1 
HETATM 667 O  O     . HOH F 4 .  ? -10.920 -6.460  4.677   1.00 63.21 ? 123 HOH B O     1 
HETATM 668 O  O     . HOH F 4 .  ? -4.061  9.777   13.964  1.00 54.05 ? 128 HOH B O     1 
HETATM 669 O  O     . HOH F 4 .  ? -17.150 -1.179  2.388   1.00 43.63 ? 131 HOH B O     1 
HETATM 670 O  O     . HOH F 4 .  ? 9.839   -19.013 -0.913  1.00 46.19 ? 132 HOH B O     1 
HETATM 671 O  O     . HOH F 4 .  ? -1.509  -6.394  -3.483  1.00 46.00 ? 134 HOH B O     1 
HETATM 672 O  O     . HOH F 4 .  ? -18.226 -4.722  4.940   1.00 45.79 ? 135 HOH B O     1 
HETATM 673 O  O     . HOH F 4 .  ? 10.721  -21.529 4.915   1.00 49.42 ? 137 HOH B O     1 
HETATM 674 O  O     . HOH F 4 .  ? -11.234 -3.335  -4.663  1.00 53.16 ? 138 HOH B O     1 
HETATM 675 O  O     . HOH F 4 .  ? 11.398  -12.295 -0.841  1.00 36.69 ? 140 HOH B O     1 
HETATM 676 O  O     . HOH F 4 .  ? -14.640 -6.097  5.131   1.00 36.76 ? 142 HOH B O     1 
HETATM 677 O  O     . HOH F 4 .  ? -5.738  1.818   15.961  1.00 60.65 ? 145 HOH B O     1 
HETATM 678 O  O     . HOH F 4 .  ? -4.545  14.770  21.670  1.00 49.52 ? 147 HOH B O     1 
HETATM 679 O  O     . HOH F 4 .  ? 6.871   -9.426  -3.746  1.00 46.38 ? 148 HOH B O     1 
HETATM 680 O  O     . HOH F 4 .  ? -5.490  11.472  18.140  1.00 45.73 ? 149 HOH B O     1 
HETATM 681 O  O     . HOH F 4 .  ? 11.013  -7.925  9.048   1.00 63.28 ? 151 HOH B O     1 
HETATM 682 O  O     . HOH F 4 .  ? 7.657   -13.631 7.935   1.00 49.52 ? 152 HOH B O     1 
HETATM 683 O  O     . HOH F 4 .  ? 3.940   -2.092  -8.989  1.00 47.62 ? 155 HOH B O     1 
HETATM 684 O  O     . HOH F 4 .  ? -4.077  4.283   16.775  1.00 57.33 ? 156 HOH B O     1 
HETATM 685 O  O     . HOH F 4 .  ? 6.648   -2.659  -10.361 1.00 40.41 ? 158 HOH B O     1 
HETATM 686 O  O     . HOH F 4 .  ? 3.091   -2.305  -12.748 1.00 44.88 ? 159 HOH B O     1 
HETATM 687 O  O     . HOH F 4 .  ? 4.840   -9.102  8.462   1.00 57.52 ? 160 HOH B O     1 
HETATM 688 O  O     . HOH F 4 .  ? -6.901  0.239   13.975  1.00 52.98 ? 163 HOH B O     1 
HETATM 689 O  O     . HOH F 4 .  ? -1.720  5.312   17.713  1.00 50.77 ? 164 HOH B O     1 
HETATM 690 O  O     . HOH F 4 .  ? 11.663  -17.467 8.493   1.00 49.15 ? 167 HOH B O     1 
HETATM 691 O  O     . HOH F 4 .  ? 8.809   -13.052 -4.489  1.00 53.63 ? 168 HOH B O     1 
HETATM 692 O  O     . HOH F 4 .  ? 8.235   -8.814  10.316  1.00 63.66 ? 169 HOH B O     1 
HETATM 693 O  O     . HOH F 4 .  ? 11.862  -20.625 -1.702  1.00 73.96 ? 172 HOH B O     1 
HETATM 694 O  O     . HOH F 4 .  ? 3.109   1.102   -6.581  1.00 63.34 ? 174 HOH B O     1 
HETATM 695 O  O     . HOH F 4 .  ? 10.004  -9.800  7.257   1.00 64.54 ? 175 HOH B O     1 
HETATM 696 O  O     . HOH F 4 .  ? -12.696 0.752   -3.420  1.00 58.62 ? 178 HOH B O     1 
HETATM 697 O  O     . HOH F 4 .  ? -1.078  2.313   -6.016  1.00 69.27 ? 180 HOH B O     1 
HETATM 698 O  O     . HOH F 4 .  ? -3.946  -0.534  16.564  1.00 56.17 ? 184 HOH B O     1 
HETATM 699 O  O     . HOH F 4 .  ? -5.438  6.894   17.942  1.00 49.32 ? 185 HOH B O     1 
HETATM 700 O  O     . HOH F 4 .  ? -2.462  0.407   -4.529  1.00 59.49 ? 186 HOH B O     1 
HETATM 701 O  O     . HOH F 4 .  ? -4.979  -6.067  -4.239  1.00 70.85 ? 188 HOH B O     1 
HETATM 702 O  O     . HOH F 4 .  ? -14.207 -0.234  14.552  1.00 61.96 ? 193 HOH B O     1 
HETATM 703 O  O     . HOH F 4 .  ? -3.054  7.077   11.363  1.00 40.25 ? 196 HOH B O     1 
HETATM 704 O  O     . HOH F 4 .  ? -6.291  3.717   13.357  1.00 65.17 ? 198 HOH B O     1 
HETATM 705 O  O     . HOH F 4 .  ? 0.896   -4.082  -8.340  1.00 54.65 ? 204 HOH B O     1 
HETATM 706 O  O     . HOH F 4 .  ? -9.209  -2.102  14.536  1.00 63.86 ? 210 HOH B O     1 
HETATM 707 O  O     . HOH F 4 .  ? -16.533 0.857   12.520  1.00 50.84 ? 218 HOH B O     1 
HETATM 708 O  O     . HOH F 4 .  ? 9.525   -20.513 10.939  1.00 58.41 ? 219 HOH B O     1 
HETATM 709 O  O     . HOH F 4 .  ? -3.908  11.558  8.851   1.00 65.23 ? 220 HOH B O     1 
# 
